data_9CP4
#
_entry.id   9CP4
#
_cell.length_a   1.00
_cell.length_b   1.00
_cell.length_c   1.00
_cell.angle_alpha   90.00
_cell.angle_beta   90.00
_cell.angle_gamma   90.00
#
_symmetry.space_group_name_H-M   'P 1'
#
loop_
_entity.id
_entity.type
_entity.pdbx_description
1 polymer 'Sodium- and chloride-dependent GABA transporter 3'
2 polymer '9D5 heavy chain'
3 polymer '9D5 light chain'
4 non-polymer '(3S)-1-{2-[tris(4-methoxyphenyl)methoxy]ethyl}piperidine-3-carboxylic acid'
5 non-polymer 'CHLORIDE ION'
#
loop_
_entity_poly.entity_id
_entity_poly.type
_entity_poly.pdbx_seq_one_letter_code
_entity_poly.pdbx_strand_id
1 'polypeptide(L)'
;MTAEKALPLGNGKAAEEARESEAPGGGCSSGGAAPARHPRVKRDKAVHERGHWNNKVEFVLSVAGEIIGLGNVWRFPYLC
YKNGGGAFLIPYVVFFICCGIPVFFLETALGQFTSEGGITCWRKVCPLFEGIGYATQVIEAHLNVYYIIILAWAIFYLSN
CFTTELPWATCGHEWNTENCVEFQKLNVSNYSHVSLQNATSPVMEFWEHRVLAISDGIEHIGNLRWELALCLLAAWTICY
FCIWKGTKSTGKVVYVTATFPYIMLLILLIRGVTLPGASEGIKFYLYPDLSRLSDPQVWVDAGTQIFFSYAICLGCLTAL
GSYNNYHNNCYRDCIMLCCLNSGTSFVAGFAIFSVLGFMAYEQGVPIAEVAESGPGLAFIAYPKAVTMMPLSPLWATLFF
MMLIFLGLDSQFVCVESLVTAVVDMYPKVFRRGYRRELLILALSVISYFLGLVMLTEGGMYIFQLFDSYAASGMCLLFVA
IFECICIGWVYGSNRFSEDIRDMIGFPPPSLIKWCWMIMTPGICAGIFIFFLIKYKPLKYNNIYTYPAWGYGIGWLMALS
SMLCIPLWICITVWKTEGTLPEKLQKLTTPSTDLKMRGKLGVSPRMVTVNDCDAKLKSDGTIAAITEKETHFAAALEVLF
Q
;
A
2 'polypeptide(L)'
;EVQLVESGGGLVKPGGSLKLSCAASGFTFSSYAMSWVRQSPEKRLEWVAEISSGGRYIYYSDTVTGRFTISRDNARNILH
LEMSSLRSEDTAMYYCARGEVRQRGFDYWGQGTTLTVSSAKTTAPSVYPLAPVCGDTTGSSVTLGCLVKGYFPEPVTLTW
NSGSLSSGVHTFPAVLQSDLYTLSSSVTVTSSTWPSQSITCNVAHPASSTKVDKKIEPRAAALEVLFQGPGSHHHHHHHH
HH
;
H
3 'polypeptide(L)'
;ENVLTQSPAIMSTSPGEKVTMTCRASSSVGSSYLHWYQQKSGASPKLWIYSTSNLASGVPARFSGSGSGTSYSLTISSVE
AEDAATYYCQQFSGYPLTFGSGTKLEMKRADAAPTVSIFPPSSEQLTSGGASVVCFLNNFYPKDINVKWKIDGSERQNGV
LNSWTDQDSKDSTYSMSSTLTLTKDEYERHNSYTCEATHKTSTSPIVKSFNRNE
;
L
#
# COMPACT_ATOMS: atom_id res chain seq x y z
N VAL A 57 -17.41 12.23 9.75
CA VAL A 57 -16.71 11.47 8.73
C VAL A 57 -17.21 10.02 8.72
N GLU A 58 -17.56 9.53 7.54
CA GLU A 58 -18.05 8.15 7.41
C GLU A 58 -16.95 7.13 7.69
N PHE A 59 -15.72 7.43 7.30
CA PHE A 59 -14.61 6.51 7.54
C PHE A 59 -14.28 6.40 9.02
N VAL A 60 -14.32 7.53 9.74
CA VAL A 60 -14.00 7.53 11.16
C VAL A 60 -15.10 6.83 11.95
N LEU A 61 -16.36 7.07 11.60
CA LEU A 61 -17.47 6.50 12.35
C LEU A 61 -17.57 4.99 12.15
N SER A 62 -17.32 4.51 10.94
CA SER A 62 -17.42 3.08 10.66
C SER A 62 -16.27 2.31 11.28
N VAL A 63 -15.06 2.88 11.27
CA VAL A 63 -13.91 2.21 11.85
C VAL A 63 -14.02 2.16 13.37
N ALA A 64 -14.45 3.27 13.99
CA ALA A 64 -14.66 3.30 15.43
C ALA A 64 -15.78 2.38 15.87
N GLY A 65 -16.71 2.03 14.97
CA GLY A 65 -17.71 1.04 15.27
C GLY A 65 -17.24 -0.40 15.21
N GLU A 66 -15.95 -0.62 14.99
CA GLU A 66 -15.37 -1.95 14.97
C GLU A 66 -14.21 -2.14 15.94
N ILE A 67 -13.62 -1.06 16.44
CA ILE A 67 -12.47 -1.19 17.34
C ILE A 67 -12.90 -1.76 18.68
N ILE A 68 -13.98 -1.23 19.26
CA ILE A 68 -14.42 -1.67 20.57
C ILE A 68 -15.08 -3.05 20.46
N GLY A 69 -15.07 -3.77 21.57
CA GLY A 69 -15.71 -5.08 21.64
C GLY A 69 -15.60 -5.63 23.03
N LEU A 70 -16.25 -6.78 23.24
CA LEU A 70 -16.18 -7.44 24.53
C LEU A 70 -14.80 -7.99 24.82
N GLY A 71 -14.01 -8.32 23.79
CA GLY A 71 -12.66 -8.80 24.00
C GLY A 71 -11.70 -7.77 24.54
N ASN A 72 -12.07 -6.49 24.54
CA ASN A 72 -11.26 -5.43 25.10
C ASN A 72 -11.76 -4.93 26.45
N VAL A 73 -13.08 -4.97 26.67
CA VAL A 73 -13.65 -4.44 27.91
C VAL A 73 -13.99 -5.52 28.92
N TRP A 74 -13.97 -6.79 28.53
CA TRP A 74 -14.29 -7.88 29.44
C TRP A 74 -13.20 -8.94 29.55
N ARG A 75 -12.59 -9.32 28.43
CA ARG A 75 -11.66 -10.45 28.47
C ARG A 75 -10.23 -10.04 28.78
N PHE A 76 -9.77 -8.89 28.26
CA PHE A 76 -8.39 -8.48 28.52
C PHE A 76 -8.10 -8.19 29.98
N PRO A 77 -8.93 -7.44 30.75
CA PRO A 77 -8.61 -7.28 32.17
C PRO A 77 -8.79 -8.56 32.97
N TYR A 78 -9.70 -9.44 32.56
CA TYR A 78 -9.78 -10.77 33.14
C TYR A 78 -8.47 -11.54 32.99
N LEU A 79 -7.90 -11.57 31.77
CA LEU A 79 -6.64 -12.25 31.56
C LEU A 79 -5.47 -11.51 32.19
N CYS A 80 -5.58 -10.19 32.36
CA CYS A 80 -4.53 -9.40 32.98
C CYS A 80 -4.58 -9.42 34.50
N TYR A 81 -5.70 -9.88 35.08
CA TYR A 81 -5.79 -10.05 36.52
C TYR A 81 -5.58 -11.49 36.96
N LYS A 82 -6.02 -12.45 36.15
CA LYS A 82 -5.80 -13.84 36.50
C LYS A 82 -4.33 -14.22 36.38
N ASN A 83 -3.70 -13.88 35.26
CA ASN A 83 -2.33 -14.29 34.98
C ASN A 83 -1.31 -13.22 35.39
N GLY A 84 -1.42 -12.73 36.63
CA GLY A 84 -0.50 -11.71 37.09
C GLY A 84 -0.80 -10.33 36.55
N GLY A 85 -0.69 -9.30 37.39
CA GLY A 85 -1.08 -7.97 36.98
C GLY A 85 -0.20 -7.33 35.92
N GLY A 86 1.03 -7.00 36.29
CA GLY A 86 1.91 -6.31 35.38
C GLY A 86 2.67 -7.23 34.44
N ALA A 87 2.79 -8.50 34.83
CA ALA A 87 3.52 -9.47 34.02
C ALA A 87 2.77 -9.90 32.78
N PHE A 88 1.49 -9.52 32.64
CA PHE A 88 0.73 -9.87 31.45
C PHE A 88 1.09 -8.98 30.27
N LEU A 89 1.55 -7.75 30.50
CA LEU A 89 1.79 -6.82 29.41
C LEU A 89 3.05 -7.15 28.62
N ILE A 90 4.06 -7.75 29.24
CA ILE A 90 5.32 -8.07 28.55
C ILE A 90 5.10 -9.08 27.43
N PRO A 91 4.38 -10.20 27.60
CA PRO A 91 4.03 -11.00 26.42
C PRO A 91 2.82 -10.49 25.65
N TYR A 92 2.18 -9.42 26.11
CA TYR A 92 1.11 -8.78 25.34
C TYR A 92 1.70 -7.98 24.18
N VAL A 93 2.67 -7.12 24.48
CA VAL A 93 3.25 -6.25 23.46
C VAL A 93 4.11 -7.06 22.48
N VAL A 94 4.72 -8.15 22.94
CA VAL A 94 5.53 -8.99 22.06
C VAL A 94 4.65 -9.63 20.99
N PHE A 95 3.51 -10.20 21.40
CA PHE A 95 2.58 -10.77 20.44
C PHE A 95 1.88 -9.68 19.63
N PHE A 96 1.70 -8.49 20.20
CA PHE A 96 1.16 -7.36 19.48
C PHE A 96 2.05 -6.96 18.31
N ILE A 97 3.36 -6.91 18.53
CA ILE A 97 4.28 -6.56 17.46
C ILE A 97 4.46 -7.71 16.48
N CYS A 98 4.67 -8.93 16.98
CA CYS A 98 5.16 -10.01 16.14
C CYS A 98 4.08 -10.93 15.59
N CYS A 99 2.86 -10.90 16.13
CA CYS A 99 1.82 -11.81 15.70
C CYS A 99 0.47 -11.15 15.47
N GLY A 100 0.24 -9.94 15.95
CA GLY A 100 -0.99 -9.24 15.67
C GLY A 100 -0.96 -8.59 14.30
N ILE A 101 0.02 -7.70 14.11
CA ILE A 101 0.21 -7.08 12.79
C ILE A 101 0.40 -8.08 11.66
N PRO A 102 1.33 -9.06 11.73
CA PRO A 102 1.54 -9.90 10.54
C PRO A 102 0.37 -10.79 10.19
N VAL A 103 -0.24 -11.45 11.18
CA VAL A 103 -1.33 -12.37 10.87
C VAL A 103 -2.61 -11.61 10.54
N PHE A 104 -2.83 -10.44 11.19
CA PHE A 104 -3.96 -9.59 10.84
C PHE A 104 -3.84 -9.11 9.39
N PHE A 105 -2.65 -8.64 9.00
CA PHE A 105 -2.40 -8.21 7.64
C PHE A 105 -2.55 -9.38 6.67
N LEU A 106 -2.10 -10.57 7.07
CA LEU A 106 -2.21 -11.76 6.24
C LEU A 106 -3.65 -12.12 5.95
N GLU A 107 -4.47 -12.22 6.99
CA GLU A 107 -5.87 -12.62 6.81
C GLU A 107 -6.65 -11.56 6.05
N THR A 108 -6.44 -10.27 6.37
CA THR A 108 -7.15 -9.23 5.63
C THR A 108 -6.76 -9.20 4.16
N ALA A 109 -5.46 -9.32 3.88
CA ALA A 109 -4.99 -9.30 2.49
C ALA A 109 -5.47 -10.51 1.72
N LEU A 110 -5.49 -11.70 2.35
CA LEU A 110 -5.98 -12.89 1.67
C LEU A 110 -7.49 -12.80 1.41
N GLY A 111 -8.24 -12.26 2.38
CA GLY A 111 -9.67 -12.10 2.18
C GLY A 111 -10.00 -11.13 1.07
N GLN A 112 -9.24 -10.04 0.97
CA GLN A 112 -9.50 -9.08 -0.10
C GLN A 112 -8.99 -9.59 -1.45
N PHE A 113 -7.90 -10.36 -1.43
CA PHE A 113 -7.36 -10.93 -2.67
C PHE A 113 -8.32 -11.95 -3.27
N THR A 114 -8.74 -12.93 -2.48
CA THR A 114 -9.58 -13.99 -3.03
C THR A 114 -11.03 -13.52 -3.19
N SER A 115 -11.46 -12.62 -2.30
CA SER A 115 -12.74 -11.91 -2.41
C SER A 115 -13.95 -12.86 -2.38
N GLU A 116 -13.97 -13.73 -1.36
CA GLU A 116 -15.08 -14.65 -1.16
C GLU A 116 -15.05 -15.11 0.30
N GLY A 117 -15.77 -16.19 0.60
CA GLY A 117 -15.93 -16.67 1.95
C GLY A 117 -14.63 -17.18 2.57
N GLY A 118 -14.72 -17.49 3.85
CA GLY A 118 -13.53 -17.76 4.65
C GLY A 118 -12.93 -19.15 4.51
N ILE A 119 -13.60 -20.09 3.84
CA ILE A 119 -13.08 -21.45 3.77
C ILE A 119 -12.81 -21.87 2.34
N THR A 120 -13.52 -21.26 1.38
CA THR A 120 -13.19 -21.47 -0.03
C THR A 120 -12.04 -20.58 -0.48
N CYS A 121 -11.74 -19.52 0.29
CA CYS A 121 -10.52 -18.76 0.08
C CYS A 121 -9.29 -19.65 0.24
N TRP A 122 -9.27 -20.44 1.31
CA TRP A 122 -8.20 -21.41 1.48
C TRP A 122 -8.27 -22.55 0.48
N ARG A 123 -9.45 -22.78 -0.12
CA ARG A 123 -9.53 -23.75 -1.20
C ARG A 123 -8.80 -23.25 -2.44
N LYS A 124 -8.99 -21.98 -2.81
CA LYS A 124 -8.35 -21.49 -4.02
C LYS A 124 -6.97 -20.90 -3.79
N VAL A 125 -6.52 -20.75 -2.55
CA VAL A 125 -5.13 -20.34 -2.31
C VAL A 125 -4.21 -21.55 -2.17
N CYS A 126 -4.60 -22.53 -1.35
CA CYS A 126 -3.79 -23.73 -1.15
C CYS A 126 -4.72 -24.89 -0.83
N PRO A 127 -5.06 -25.73 -1.81
CA PRO A 127 -5.99 -26.84 -1.56
C PRO A 127 -5.48 -27.88 -0.57
N LEU A 128 -4.17 -27.94 -0.33
CA LEU A 128 -3.66 -28.83 0.72
C LEU A 128 -4.08 -28.34 2.09
N PHE A 129 -3.88 -27.05 2.37
CA PHE A 129 -4.22 -26.47 3.66
C PHE A 129 -5.62 -25.85 3.65
N GLU A 130 -6.60 -26.61 3.18
CA GLU A 130 -7.99 -26.18 3.25
C GLU A 130 -8.59 -26.41 4.64
N GLY A 131 -7.93 -27.22 5.48
CA GLY A 131 -8.41 -27.47 6.81
C GLY A 131 -8.25 -26.31 7.77
N ILE A 132 -7.52 -25.26 7.37
CA ILE A 132 -7.43 -24.06 8.19
C ILE A 132 -8.78 -23.37 8.26
N GLY A 133 -9.56 -23.42 7.18
CA GLY A 133 -10.88 -22.82 7.21
C GLY A 133 -11.86 -23.55 8.11
N TYR A 134 -11.82 -24.88 8.10
CA TYR A 134 -12.76 -25.66 8.90
C TYR A 134 -12.46 -25.53 10.40
N ALA A 135 -11.18 -25.39 10.76
CA ALA A 135 -10.84 -25.11 12.15
C ALA A 135 -11.42 -23.77 12.60
N THR A 136 -11.38 -22.77 11.72
CA THR A 136 -12.01 -21.49 12.03
C THR A 136 -13.53 -21.62 12.10
N GLN A 137 -14.13 -22.51 11.32
CA GLN A 137 -15.56 -22.77 11.48
C GLN A 137 -15.89 -23.36 12.84
N VAL A 138 -15.07 -24.30 13.31
CA VAL A 138 -15.31 -24.91 14.62
C VAL A 138 -15.09 -23.88 15.74
N ILE A 139 -14.08 -23.02 15.58
CA ILE A 139 -13.86 -21.93 16.54
C ILE A 139 -15.05 -20.98 16.54
N GLU A 140 -15.60 -20.67 15.37
CA GLU A 140 -16.76 -19.80 15.28
C GLU A 140 -17.98 -20.44 15.93
N ALA A 141 -18.15 -21.76 15.77
CA ALA A 141 -19.26 -22.46 16.40
C ALA A 141 -19.14 -22.41 17.92
N HIS A 142 -17.94 -22.66 18.44
CA HIS A 142 -17.72 -22.60 19.88
C HIS A 142 -17.94 -21.18 20.42
N LEU A 143 -17.46 -20.18 19.69
CA LEU A 143 -17.65 -18.79 20.11
C LEU A 143 -19.13 -18.42 20.12
N ASN A 144 -19.85 -18.71 19.04
CA ASN A 144 -21.28 -18.46 18.99
C ASN A 144 -22.05 -19.24 20.04
N VAL A 145 -21.49 -20.36 20.52
CA VAL A 145 -22.06 -21.02 21.69
C VAL A 145 -21.86 -20.17 22.94
N TYR A 146 -20.63 -19.65 23.16
CA TYR A 146 -20.35 -19.04 24.46
C TYR A 146 -20.20 -17.52 24.42
N TYR A 147 -20.29 -16.88 23.26
CA TYR A 147 -20.23 -15.42 23.26
C TYR A 147 -21.57 -14.78 23.56
N ILE A 148 -22.66 -15.55 23.54
CA ILE A 148 -23.98 -15.01 23.80
C ILE A 148 -24.37 -15.08 25.28
N ILE A 149 -23.71 -15.93 26.07
CA ILE A 149 -24.03 -16.02 27.50
C ILE A 149 -23.60 -14.76 28.24
N ILE A 150 -22.56 -14.07 27.76
CA ILE A 150 -22.15 -12.80 28.37
C ILE A 150 -23.25 -11.77 28.23
N LEU A 151 -23.90 -11.75 27.07
CA LEU A 151 -25.05 -10.87 26.89
C LEU A 151 -26.23 -11.32 27.74
N ALA A 152 -26.34 -12.62 28.04
CA ALA A 152 -27.39 -13.07 28.95
C ALA A 152 -27.15 -12.54 30.37
N TRP A 153 -25.91 -12.57 30.83
CA TRP A 153 -25.59 -12.01 32.15
C TRP A 153 -25.77 -10.51 32.16
N ALA A 154 -25.44 -9.84 31.07
CA ALA A 154 -25.63 -8.39 31.02
C ALA A 154 -27.11 -8.02 30.94
N ILE A 155 -27.94 -8.85 30.30
CA ILE A 155 -29.38 -8.65 30.31
C ILE A 155 -29.93 -8.85 31.71
N PHE A 156 -29.46 -9.88 32.42
CA PHE A 156 -29.89 -10.11 33.80
C PHE A 156 -29.48 -8.96 34.70
N TYR A 157 -28.28 -8.40 34.47
CA TYR A 157 -27.89 -7.19 35.19
C TYR A 157 -28.75 -6.00 34.78
N LEU A 158 -29.10 -5.92 33.49
CA LEU A 158 -29.99 -4.86 33.03
C LEU A 158 -31.39 -5.00 33.61
N SER A 159 -31.87 -6.23 33.76
CA SER A 159 -33.20 -6.45 34.32
C SER A 159 -33.28 -5.99 35.77
N ASN A 160 -32.24 -6.27 36.55
CA ASN A 160 -32.23 -5.89 37.96
C ASN A 160 -31.79 -4.46 38.19
N CYS A 161 -31.37 -3.75 37.14
CA CYS A 161 -30.84 -2.41 37.32
C CYS A 161 -31.93 -1.37 37.59
N PHE A 162 -33.11 -1.54 37.00
CA PHE A 162 -34.17 -0.54 37.10
C PHE A 162 -34.78 -0.52 38.49
N THR A 163 -34.04 0.01 39.46
CA THR A 163 -34.48 0.11 40.84
C THR A 163 -33.73 1.29 41.45
N THR A 164 -34.41 2.04 42.33
CA THR A 164 -33.78 3.21 42.95
C THR A 164 -32.58 2.84 43.82
N GLU A 165 -32.51 1.60 44.30
CA GLU A 165 -31.35 1.11 45.03
C GLU A 165 -30.78 -0.08 44.28
N LEU A 166 -29.48 -0.04 44.01
CA LEU A 166 -28.86 -1.10 43.23
C LEU A 166 -28.77 -2.39 44.06
N PRO A 167 -29.04 -3.54 43.44
CA PRO A 167 -28.96 -4.81 44.19
C PRO A 167 -27.58 -5.15 44.69
N TRP A 168 -26.52 -4.77 43.97
CA TRP A 168 -25.15 -5.09 44.35
C TRP A 168 -24.49 -4.01 45.19
N ALA A 169 -25.28 -3.22 45.92
CA ALA A 169 -24.73 -2.15 46.74
C ALA A 169 -25.17 -2.21 48.19
N THR A 170 -25.87 -3.26 48.61
CA THR A 170 -26.36 -3.37 49.97
C THR A 170 -25.93 -4.71 50.55
N CYS A 171 -25.92 -4.78 51.88
CA CYS A 171 -25.56 -5.99 52.62
C CYS A 171 -26.79 -6.60 53.29
N GLY A 172 -27.92 -6.57 52.60
CA GLY A 172 -29.06 -7.36 53.04
C GLY A 172 -29.97 -7.74 51.89
N HIS A 173 -30.14 -9.05 51.71
CA HIS A 173 -30.97 -9.65 50.66
C HIS A 173 -31.12 -11.12 51.02
N GLU A 174 -31.68 -11.90 50.10
CA GLU A 174 -31.81 -13.34 50.33
C GLU A 174 -30.48 -14.07 50.15
N TRP A 175 -29.58 -13.53 49.33
CA TRP A 175 -28.35 -14.22 48.99
C TRP A 175 -27.15 -13.79 49.82
N ASN A 176 -27.23 -12.64 50.50
CA ASN A 176 -26.10 -12.14 51.26
C ASN A 176 -25.89 -12.98 52.52
N THR A 177 -24.66 -13.44 52.71
CA THR A 177 -24.33 -14.36 53.79
C THR A 177 -23.97 -13.59 55.06
N GLU A 178 -23.55 -14.32 56.10
CA GLU A 178 -23.25 -13.69 57.38
C GLU A 178 -21.94 -12.93 57.34
N ASN A 179 -21.00 -13.36 56.50
CA ASN A 179 -19.69 -12.72 56.43
C ASN A 179 -19.68 -11.45 55.60
N CYS A 180 -20.82 -11.06 55.03
CA CYS A 180 -20.95 -9.81 54.30
C CYS A 180 -20.73 -8.61 55.21
N VAL A 181 -20.33 -7.50 54.59
CA VAL A 181 -20.22 -6.22 55.27
C VAL A 181 -20.42 -5.13 54.22
N GLU A 182 -20.97 -3.99 54.66
CA GLU A 182 -21.31 -2.90 53.75
C GLU A 182 -20.08 -2.31 53.06
N PHE A 183 -18.99 -2.12 53.80
CA PHE A 183 -17.77 -1.43 53.39
C PHE A 183 -17.99 0.03 53.03
N GLN A 184 -19.17 0.58 53.33
CA GLN A 184 -19.48 1.98 53.06
C GLN A 184 -20.16 2.68 54.23
N LYS A 185 -20.70 1.94 55.20
CA LYS A 185 -21.43 2.57 56.31
C LYS A 185 -20.50 3.30 57.27
N LEU A 186 -19.22 2.93 57.33
CA LEU A 186 -18.28 3.59 58.23
C LEU A 186 -16.92 3.65 57.55
N ASN A 187 -16.11 4.62 57.97
CA ASN A 187 -14.78 4.79 57.40
C ASN A 187 -13.81 3.73 57.93
N VAL A 188 -13.58 3.73 59.24
CA VAL A 188 -12.69 2.72 59.81
C VAL A 188 -13.41 1.39 59.98
N SER A 189 -14.74 1.42 60.14
CA SER A 189 -15.61 0.25 60.27
C SER A 189 -15.14 -0.71 61.37
N ASN A 190 -15.28 -2.02 61.13
CA ASN A 190 -14.83 -3.02 62.09
C ASN A 190 -14.16 -4.20 61.39
N TYR A 191 -13.47 -3.94 60.28
CA TYR A 191 -12.81 -5.01 59.53
C TYR A 191 -11.45 -5.34 60.12
N SER A 192 -10.63 -6.06 59.34
CA SER A 192 -9.29 -6.57 59.64
C SER A 192 -9.33 -7.77 60.59
N HIS A 193 -10.52 -8.13 61.06
CA HIS A 193 -10.73 -9.42 61.71
C HIS A 193 -11.89 -10.12 61.02
N VAL A 194 -12.86 -9.34 60.54
CA VAL A 194 -13.88 -9.88 59.65
C VAL A 194 -13.25 -10.28 58.33
N SER A 195 -12.23 -9.55 57.89
CA SER A 195 -11.47 -9.96 56.70
C SER A 195 -10.74 -11.28 56.94
N LEU A 196 -10.22 -11.48 58.17
CA LEU A 196 -9.66 -12.77 58.53
C LEU A 196 -10.73 -13.84 58.59
N GLN A 197 -11.97 -13.46 58.90
CA GLN A 197 -13.12 -14.36 58.82
C GLN A 197 -13.80 -14.30 57.45
N ASN A 198 -13.03 -13.95 56.41
CA ASN A 198 -13.48 -13.92 55.01
C ASN A 198 -14.64 -12.94 54.80
N ALA A 199 -14.36 -11.67 55.06
CA ALA A 199 -15.30 -10.61 54.71
C ALA A 199 -15.37 -10.47 53.19
N THR A 200 -16.56 -10.17 52.68
CA THR A 200 -16.76 -10.11 51.24
C THR A 200 -17.56 -8.85 50.91
N SER A 201 -17.15 -8.16 49.84
CA SER A 201 -17.87 -6.99 49.39
C SER A 201 -19.24 -7.39 48.82
N PRO A 202 -20.25 -6.49 48.92
CA PRO A 202 -21.60 -6.87 48.48
C PRO A 202 -21.73 -7.24 47.02
N VAL A 203 -20.99 -6.59 46.12
CA VAL A 203 -21.07 -6.95 44.71
C VAL A 203 -20.45 -8.31 44.45
N MET A 204 -19.38 -8.64 45.19
CA MET A 204 -18.72 -9.94 45.03
C MET A 204 -19.65 -11.07 45.48
N GLU A 205 -20.45 -10.81 46.52
CA GLU A 205 -21.45 -11.78 46.93
C GLU A 205 -22.63 -11.81 45.97
N PHE A 206 -23.05 -10.65 45.46
CA PHE A 206 -24.23 -10.59 44.60
C PHE A 206 -24.02 -11.36 43.32
N TRP A 207 -22.87 -11.14 42.67
CA TRP A 207 -22.58 -11.80 41.39
C TRP A 207 -22.63 -13.32 41.53
N GLU A 208 -21.89 -13.87 42.50
CA GLU A 208 -21.86 -15.31 42.72
C GLU A 208 -23.24 -15.83 43.15
N HIS A 209 -23.74 -15.35 44.29
CA HIS A 209 -24.90 -16.00 44.90
C HIS A 209 -26.23 -15.58 44.30
N ARG A 210 -26.27 -14.67 43.34
CA ARG A 210 -27.55 -14.39 42.71
C ARG A 210 -27.49 -14.44 41.19
N VAL A 211 -26.40 -13.96 40.58
CA VAL A 211 -26.36 -13.90 39.12
C VAL A 211 -26.28 -15.30 38.53
N LEU A 212 -25.47 -16.17 39.13
CA LEU A 212 -25.31 -17.52 38.60
C LEU A 212 -25.38 -18.63 39.64
N ALA A 213 -25.41 -18.32 40.94
CA ALA A 213 -25.61 -19.29 42.03
C ALA A 213 -24.53 -20.38 42.00
N ILE A 214 -23.29 -19.94 42.25
CA ILE A 214 -22.13 -20.80 42.07
C ILE A 214 -22.19 -21.99 43.02
N SER A 215 -21.74 -23.15 42.54
CA SER A 215 -21.69 -24.37 43.31
C SER A 215 -20.24 -24.78 43.55
N ASP A 216 -20.04 -25.63 44.53
CA ASP A 216 -18.70 -26.04 44.94
C ASP A 216 -18.16 -27.21 44.12
N GLY A 217 -18.21 -27.09 42.81
CA GLY A 217 -17.66 -28.10 41.94
C GLY A 217 -18.34 -28.16 40.59
N ILE A 218 -17.57 -28.54 39.57
CA ILE A 218 -18.13 -28.77 38.25
C ILE A 218 -18.91 -30.10 38.20
N GLU A 219 -18.61 -31.03 39.11
CA GLU A 219 -19.40 -32.24 39.25
C GLU A 219 -20.66 -32.00 40.08
N HIS A 220 -20.92 -30.75 40.48
CA HIS A 220 -22.07 -30.40 41.30
C HIS A 220 -23.02 -29.50 40.52
N ILE A 221 -23.31 -29.86 39.27
CA ILE A 221 -24.22 -29.12 38.42
C ILE A 221 -25.61 -29.14 39.04
N GLY A 222 -26.07 -27.98 39.51
CA GLY A 222 -27.33 -27.86 40.20
C GLY A 222 -28.49 -27.66 39.24
N ASN A 223 -29.56 -27.09 39.77
CA ASN A 223 -30.74 -26.80 38.97
C ASN A 223 -30.45 -25.66 38.00
N LEU A 224 -31.06 -25.75 36.82
CA LEU A 224 -30.90 -24.71 35.81
C LEU A 224 -31.60 -23.43 36.25
N ARG A 225 -30.92 -22.31 36.03
CA ARG A 225 -31.49 -21.00 36.37
C ARG A 225 -32.44 -20.59 35.26
N TRP A 226 -33.73 -20.52 35.57
CA TRP A 226 -34.72 -20.24 34.55
C TRP A 226 -34.72 -18.77 34.13
N GLU A 227 -34.44 -17.86 35.07
CA GLU A 227 -34.36 -16.45 34.72
C GLU A 227 -33.23 -16.19 33.72
N LEU A 228 -32.08 -16.82 33.95
CA LEU A 228 -30.99 -16.72 32.99
C LEU A 228 -31.33 -17.40 31.67
N ALA A 229 -32.14 -18.46 31.71
CA ALA A 229 -32.58 -19.10 30.47
C ALA A 229 -33.45 -18.17 29.64
N LEU A 230 -34.36 -17.44 30.29
CA LEU A 230 -35.15 -16.44 29.58
C LEU A 230 -34.30 -15.28 29.11
N CYS A 231 -33.27 -14.91 29.87
CA CYS A 231 -32.33 -13.88 29.41
C CYS A 231 -31.60 -14.33 28.14
N LEU A 232 -31.16 -15.60 28.12
CA LEU A 232 -30.50 -16.13 26.93
C LEU A 232 -31.46 -16.22 25.75
N LEU A 233 -32.72 -16.56 26.01
CA LEU A 233 -33.72 -16.58 24.95
C LEU A 233 -33.94 -15.19 24.37
N ALA A 234 -33.99 -14.18 25.24
CA ALA A 234 -34.11 -12.79 24.77
C ALA A 234 -32.90 -12.38 23.95
N ALA A 235 -31.70 -12.77 24.39
CA ALA A 235 -30.49 -12.45 23.63
C ALA A 235 -30.49 -13.12 22.26
N TRP A 236 -30.91 -14.38 22.20
CA TRP A 236 -30.91 -15.08 20.91
C TRP A 236 -31.99 -14.54 19.99
N THR A 237 -33.16 -14.17 20.52
CA THR A 237 -34.18 -13.63 19.65
C THR A 237 -33.88 -12.20 19.21
N ILE A 238 -33.15 -11.41 20.00
CA ILE A 238 -32.76 -10.10 19.50
C ILE A 238 -31.61 -10.23 18.50
N CYS A 239 -30.76 -11.25 18.64
CA CYS A 239 -29.77 -11.53 17.61
C CYS A 239 -30.43 -11.95 16.30
N TYR A 240 -31.48 -12.78 16.39
CA TYR A 240 -32.20 -13.18 15.18
C TYR A 240 -32.97 -12.02 14.58
N PHE A 241 -33.47 -11.10 15.41
CA PHE A 241 -34.09 -9.88 14.87
C PHE A 241 -33.06 -9.03 14.15
N CYS A 242 -31.84 -8.94 14.69
CA CYS A 242 -30.76 -8.22 14.02
C CYS A 242 -30.40 -8.90 12.70
N ILE A 243 -30.50 -10.23 12.63
CA ILE A 243 -30.21 -10.94 11.38
C ILE A 243 -31.23 -10.57 10.31
N TRP A 244 -32.52 -10.58 10.65
CA TRP A 244 -33.55 -10.34 9.65
C TRP A 244 -33.72 -8.86 9.36
N LYS A 245 -34.12 -8.09 10.36
CA LYS A 245 -34.42 -6.66 10.22
C LYS A 245 -33.37 -5.88 10.99
N GLY A 246 -32.41 -5.31 10.28
CA GLY A 246 -31.30 -4.64 10.92
C GLY A 246 -29.99 -4.78 10.16
N THR A 247 -30.01 -5.59 9.09
CA THR A 247 -28.87 -5.61 8.18
C THR A 247 -28.73 -4.29 7.42
N LYS A 248 -29.84 -3.58 7.22
CA LYS A 248 -29.83 -2.27 6.58
C LYS A 248 -29.25 -1.26 7.57
N SER A 249 -27.95 -1.02 7.47
CA SER A 249 -27.22 -0.19 8.43
C SER A 249 -27.28 1.27 7.99
N THR A 250 -26.41 2.10 8.59
CA THR A 250 -26.26 3.55 8.34
C THR A 250 -27.53 4.33 8.69
N GLY A 251 -27.50 5.63 8.42
CA GLY A 251 -28.59 6.51 8.82
C GLY A 251 -28.27 7.27 10.08
N LYS A 252 -29.27 7.51 10.93
CA LYS A 252 -29.07 8.18 12.19
C LYS A 252 -28.75 7.23 13.33
N VAL A 253 -28.73 5.92 13.07
CA VAL A 253 -28.47 4.94 14.12
C VAL A 253 -26.98 4.66 14.31
N VAL A 254 -26.14 5.03 13.33
CA VAL A 254 -24.71 4.77 13.45
C VAL A 254 -23.96 5.93 14.08
N TYR A 255 -24.51 7.14 14.05
CA TYR A 255 -23.86 8.28 14.69
C TYR A 255 -24.06 8.30 16.20
N VAL A 256 -24.95 7.47 16.73
CA VAL A 256 -25.22 7.39 18.16
C VAL A 256 -24.60 6.14 18.76
N THR A 257 -24.78 4.98 18.12
CA THR A 257 -24.36 3.69 18.67
C THR A 257 -22.94 3.31 18.25
N ALA A 258 -22.09 4.28 17.92
CA ALA A 258 -20.70 3.98 17.64
C ALA A 258 -19.77 4.83 18.51
N THR A 259 -20.15 6.09 18.73
CA THR A 259 -19.39 6.96 19.62
C THR A 259 -19.78 6.77 21.08
N PHE A 260 -20.88 6.07 21.35
CA PHE A 260 -21.32 5.82 22.72
C PHE A 260 -20.33 5.01 23.56
N PRO A 261 -19.76 3.88 23.08
CA PRO A 261 -18.80 3.15 23.94
C PRO A 261 -17.56 3.94 24.30
N TYR A 262 -17.06 4.81 23.41
CA TYR A 262 -15.87 5.58 23.73
C TYR A 262 -16.17 6.65 24.78
N ILE A 263 -17.35 7.27 24.71
CA ILE A 263 -17.76 8.24 25.72
C ILE A 263 -17.91 7.56 27.08
N MET A 264 -18.56 6.39 27.10
CA MET A 264 -18.73 5.68 28.36
C MET A 264 -17.40 5.16 28.93
N LEU A 265 -16.50 4.68 28.08
CA LEU A 265 -15.19 4.26 28.56
C LEU A 265 -14.38 5.44 29.07
N LEU A 266 -14.51 6.60 28.42
CA LEU A 266 -13.81 7.79 28.87
C LEU A 266 -14.30 8.24 30.24
N ILE A 267 -15.62 8.27 30.44
CA ILE A 267 -16.14 8.70 31.75
C ILE A 267 -15.85 7.65 32.82
N LEU A 268 -15.82 6.37 32.45
CA LEU A 268 -15.49 5.33 33.42
C LEU A 268 -14.02 5.38 33.82
N LEU A 269 -13.13 5.68 32.87
CA LEU A 269 -11.72 5.86 33.19
C LEU A 269 -11.51 7.11 34.05
N ILE A 270 -12.24 8.19 33.74
CA ILE A 270 -12.15 9.42 34.52
C ILE A 270 -12.59 9.19 35.96
N ARG A 271 -13.65 8.41 36.15
CA ARG A 271 -14.04 8.03 37.50
C ARG A 271 -12.99 7.12 38.14
N GLY A 272 -12.47 6.16 37.38
CA GLY A 272 -11.56 5.17 37.94
C GLY A 272 -10.25 5.74 38.44
N VAL A 273 -9.72 6.76 37.75
CA VAL A 273 -8.52 7.41 38.26
C VAL A 273 -8.84 8.31 39.46
N THR A 274 -10.10 8.75 39.58
CA THR A 274 -10.51 9.58 40.70
C THR A 274 -10.73 8.76 41.97
N LEU A 275 -10.91 7.45 41.84
CA LEU A 275 -11.11 6.56 42.98
C LEU A 275 -9.89 6.57 43.88
N PRO A 276 -10.07 6.68 45.20
CA PRO A 276 -8.92 6.72 46.11
C PRO A 276 -8.18 5.38 46.14
N GLY A 277 -6.87 5.46 46.33
CA GLY A 277 -6.06 4.27 46.37
C GLY A 277 -5.91 3.54 45.06
N ALA A 278 -6.24 4.18 43.94
CA ALA A 278 -6.08 3.57 42.63
C ALA A 278 -4.63 3.55 42.16
N SER A 279 -3.74 4.25 42.87
CA SER A 279 -2.32 4.19 42.55
C SER A 279 -1.77 2.78 42.76
N GLU A 280 -2.21 2.10 43.82
CA GLU A 280 -1.82 0.72 44.03
C GLU A 280 -2.33 -0.19 42.92
N GLY A 281 -3.56 0.04 42.46
CA GLY A 281 -4.10 -0.74 41.37
C GLY A 281 -3.35 -0.52 40.07
N ILE A 282 -2.99 0.73 39.77
CA ILE A 282 -2.25 1.01 38.54
C ILE A 282 -0.84 0.45 38.62
N LYS A 283 -0.20 0.53 39.80
CA LYS A 283 1.13 -0.04 39.97
C LYS A 283 1.11 -1.55 39.83
N PHE A 284 0.10 -2.21 40.39
CA PHE A 284 -0.09 -3.64 40.18
C PHE A 284 -0.36 -3.95 38.71
N TYR A 285 -1.06 -3.05 38.02
CA TYR A 285 -1.37 -3.26 36.61
C TYR A 285 -0.13 -3.12 35.73
N LEU A 286 0.83 -2.30 36.12
CA LEU A 286 1.95 -1.96 35.26
C LEU A 286 3.26 -2.65 35.65
N TYR A 287 3.60 -2.67 36.93
CA TYR A 287 4.89 -3.24 37.37
C TYR A 287 4.85 -4.75 37.24
N PRO A 288 5.74 -5.36 36.45
CA PRO A 288 5.67 -6.80 36.21
C PRO A 288 6.55 -7.61 37.16
N ASP A 289 6.19 -8.88 37.31
CA ASP A 289 6.96 -9.86 38.06
C ASP A 289 7.52 -10.90 37.11
N LEU A 290 8.83 -11.11 37.15
CA LEU A 290 9.46 -12.11 36.31
C LEU A 290 9.11 -13.52 36.76
N SER A 291 8.92 -13.72 38.07
CA SER A 291 8.44 -15.00 38.57
C SER A 291 7.05 -15.30 38.05
N ARG A 292 6.25 -14.27 37.78
CA ARG A 292 4.98 -14.43 37.09
C ARG A 292 5.13 -14.47 35.58
N LEU A 293 6.35 -14.28 35.05
CA LEU A 293 6.63 -14.55 33.64
C LEU A 293 7.22 -15.93 33.42
N SER A 294 7.63 -16.62 34.48
CA SER A 294 8.24 -17.94 34.34
C SER A 294 7.26 -19.03 33.95
N ASP A 295 5.92 -18.76 33.97
CA ASP A 295 4.95 -19.82 33.67
C ASP A 295 4.41 -19.68 32.25
N PRO A 296 4.02 -20.78 31.61
CA PRO A 296 3.53 -20.69 30.22
C PRO A 296 2.12 -20.14 30.11
N GLN A 297 1.36 -20.10 31.20
CA GLN A 297 -0.03 -19.64 31.12
C GLN A 297 -0.11 -18.18 30.72
N VAL A 298 0.81 -17.35 31.23
CA VAL A 298 0.81 -15.92 30.90
C VAL A 298 1.09 -15.72 29.41
N TRP A 299 2.09 -16.44 28.88
CA TRP A 299 2.44 -16.31 27.48
C TRP A 299 1.29 -16.79 26.58
N VAL A 300 0.70 -17.94 26.92
CA VAL A 300 -0.38 -18.50 26.10
C VAL A 300 -1.59 -17.58 26.12
N ASP A 301 -1.98 -17.10 27.31
CA ASP A 301 -3.15 -16.25 27.40
C ASP A 301 -2.92 -14.88 26.78
N ALA A 302 -1.71 -14.35 26.84
CA ALA A 302 -1.43 -13.08 26.16
C ALA A 302 -1.49 -13.23 24.65
N GLY A 303 -0.85 -14.28 24.12
CA GLY A 303 -0.88 -14.49 22.68
C GLY A 303 -2.27 -14.74 22.15
N THR A 304 -3.07 -15.52 22.88
CA THR A 304 -4.41 -15.77 22.40
C THR A 304 -5.39 -14.66 22.77
N GLN A 305 -5.05 -13.77 23.70
CA GLN A 305 -5.81 -12.53 23.84
C GLN A 305 -5.57 -11.61 22.66
N ILE A 306 -4.33 -11.55 22.17
CA ILE A 306 -4.03 -10.86 20.91
C ILE A 306 -4.84 -11.47 19.77
N PHE A 307 -4.85 -12.79 19.69
CA PHE A 307 -5.55 -13.44 18.58
C PHE A 307 -7.07 -13.32 18.71
N PHE A 308 -7.59 -13.23 19.93
CA PHE A 308 -9.03 -13.16 20.15
C PHE A 308 -9.57 -11.75 19.94
N SER A 309 -8.88 -10.75 20.50
CA SER A 309 -9.37 -9.38 20.42
C SER A 309 -9.33 -8.83 19.00
N TYR A 310 -8.47 -9.40 18.16
CA TYR A 310 -8.30 -8.96 16.79
C TYR A 310 -9.09 -9.79 15.80
N ALA A 311 -9.90 -10.74 16.29
CA ALA A 311 -10.58 -11.76 15.50
C ALA A 311 -9.62 -12.60 14.65
N ILE A 312 -8.36 -12.68 15.07
CA ILE A 312 -7.37 -13.44 14.33
C ILE A 312 -7.64 -14.92 14.53
N CYS A 313 -7.70 -15.66 13.41
CA CYS A 313 -7.95 -17.10 13.33
C CYS A 313 -9.34 -17.50 13.81
N LEU A 314 -10.23 -16.52 14.05
CA LEU A 314 -11.62 -16.86 14.33
C LEU A 314 -12.33 -17.28 13.05
N GLY A 315 -12.09 -16.58 11.96
CA GLY A 315 -12.67 -16.92 10.67
C GLY A 315 -13.42 -15.80 9.99
N CYS A 316 -13.81 -14.75 10.71
CA CYS A 316 -14.56 -13.65 10.12
C CYS A 316 -13.66 -12.61 9.46
N LEU A 317 -12.34 -12.69 9.64
CA LEU A 317 -11.47 -11.68 9.06
C LEU A 317 -11.29 -11.89 7.55
N THR A 318 -11.30 -13.14 7.09
CA THR A 318 -11.29 -13.40 5.66
C THR A 318 -12.58 -12.88 5.02
N ALA A 319 -13.70 -13.00 5.71
CA ALA A 319 -14.94 -12.40 5.23
C ALA A 319 -14.89 -10.88 5.29
N LEU A 320 -14.14 -10.32 6.24
CA LEU A 320 -13.98 -8.87 6.30
C LEU A 320 -13.20 -8.34 5.11
N GLY A 321 -12.16 -9.07 4.69
CA GLY A 321 -11.39 -8.65 3.53
C GLY A 321 -12.19 -8.67 2.25
N SER A 322 -13.03 -9.69 2.08
CA SER A 322 -13.82 -9.83 0.86
C SER A 322 -14.85 -8.73 0.69
N TYR A 323 -15.23 -8.05 1.79
CA TYR A 323 -16.20 -6.96 1.69
C TYR A 323 -15.60 -5.75 0.99
N ASN A 324 -14.31 -5.49 1.17
CA ASN A 324 -13.66 -4.36 0.53
C ASN A 324 -13.44 -4.64 -0.96
N ASN A 325 -13.16 -3.57 -1.70
CA ASN A 325 -12.85 -3.69 -3.11
C ASN A 325 -11.42 -4.19 -3.28
N TYR A 326 -11.03 -4.43 -4.54
CA TYR A 326 -9.73 -5.03 -4.83
C TYR A 326 -8.56 -4.10 -4.56
N HIS A 327 -8.80 -2.79 -4.47
CA HIS A 327 -7.71 -1.82 -4.36
C HIS A 327 -7.73 -1.07 -3.03
N ASN A 328 -8.39 -1.60 -2.01
CA ASN A 328 -8.35 -0.99 -0.69
C ASN A 328 -7.00 -1.24 -0.03
N ASN A 329 -6.60 -0.29 0.81
CA ASN A 329 -5.29 -0.35 1.47
C ASN A 329 -5.37 -1.28 2.67
N CYS A 330 -4.68 -2.42 2.60
CA CYS A 330 -4.66 -3.35 3.73
C CYS A 330 -3.76 -2.83 4.85
N TYR A 331 -2.61 -2.25 4.49
CA TYR A 331 -1.56 -1.99 5.46
C TYR A 331 -1.95 -0.90 6.45
N ARG A 332 -2.44 0.24 5.94
CA ARG A 332 -2.79 1.35 6.81
C ARG A 332 -3.99 1.01 7.70
N ASP A 333 -5.00 0.37 7.12
CA ASP A 333 -6.18 -0.02 7.90
C ASP A 333 -5.83 -1.04 8.96
N CYS A 334 -4.99 -2.03 8.60
CA CYS A 334 -4.56 -3.04 9.57
C CYS A 334 -3.76 -2.41 10.71
N ILE A 335 -2.82 -1.51 10.38
CA ILE A 335 -1.99 -0.88 11.39
C ILE A 335 -2.83 -0.05 12.35
N MET A 336 -3.72 0.81 11.81
CA MET A 336 -4.48 1.69 12.68
C MET A 336 -5.55 0.94 13.46
N LEU A 337 -6.18 -0.09 12.86
CA LEU A 337 -7.17 -0.88 13.58
C LEU A 337 -6.53 -1.65 14.72
N CYS A 338 -5.38 -2.28 14.47
CA CYS A 338 -4.71 -3.06 15.50
C CYS A 338 -4.19 -2.16 16.62
N CYS A 339 -3.61 -1.01 16.26
CA CYS A 339 -3.11 -0.08 17.27
C CYS A 339 -4.23 0.49 18.12
N LEU A 340 -5.35 0.85 17.51
CA LEU A 340 -6.46 1.39 18.28
C LEU A 340 -7.13 0.33 19.14
N ASN A 341 -7.17 -0.93 18.67
CA ASN A 341 -7.70 -1.99 19.50
C ASN A 341 -6.82 -2.25 20.72
N SER A 342 -5.50 -2.25 20.53
CA SER A 342 -4.60 -2.39 21.67
C SER A 342 -4.73 -1.20 22.63
N GLY A 343 -4.93 -0.01 22.07
CA GLY A 343 -5.08 1.18 22.90
C GLY A 343 -6.35 1.14 23.75
N THR A 344 -7.47 0.72 23.17
CA THR A 344 -8.69 0.67 23.96
C THR A 344 -8.66 -0.49 24.96
N SER A 345 -7.96 -1.59 24.63
CA SER A 345 -7.73 -2.63 25.63
C SER A 345 -6.93 -2.10 26.80
N PHE A 346 -5.90 -1.30 26.50
CA PHE A 346 -5.06 -0.71 27.55
C PHE A 346 -5.85 0.27 28.41
N VAL A 347 -6.74 1.04 27.80
CA VAL A 347 -7.59 1.99 28.54
C VAL A 347 -8.56 1.26 29.46
N ALA A 348 -9.21 0.21 28.95
CA ALA A 348 -10.11 -0.59 29.79
C ALA A 348 -9.36 -1.27 30.92
N GLY A 349 -8.12 -1.70 30.65
CA GLY A 349 -7.28 -2.24 31.72
C GLY A 349 -7.00 -1.22 32.81
N PHE A 350 -6.69 0.02 32.41
CA PHE A 350 -6.54 1.10 33.39
C PHE A 350 -7.80 1.27 34.24
N ALA A 351 -8.97 1.30 33.60
CA ALA A 351 -10.20 1.57 34.33
C ALA A 351 -10.51 0.47 35.35
N ILE A 352 -10.51 -0.79 34.90
CA ILE A 352 -10.85 -1.88 35.81
C ILE A 352 -9.79 -2.07 36.89
N PHE A 353 -8.51 -1.93 36.55
CA PHE A 353 -7.49 -2.15 37.57
C PHE A 353 -7.44 -1.02 38.58
N SER A 354 -7.74 0.22 38.16
CA SER A 354 -7.89 1.29 39.15
C SER A 354 -9.08 1.04 40.07
N VAL A 355 -10.19 0.53 39.51
CA VAL A 355 -11.36 0.26 40.33
C VAL A 355 -11.08 -0.81 41.37
N LEU A 356 -10.46 -1.92 40.95
CA LEU A 356 -10.17 -2.97 41.92
C LEU A 356 -9.01 -2.62 42.85
N GLY A 357 -8.14 -1.69 42.44
CA GLY A 357 -7.20 -1.13 43.40
C GLY A 357 -7.89 -0.33 44.49
N PHE A 358 -8.92 0.43 44.13
CA PHE A 358 -9.73 1.10 45.14
C PHE A 358 -10.45 0.10 46.03
N MET A 359 -10.93 -1.00 45.43
CA MET A 359 -11.58 -2.06 46.21
C MET A 359 -10.62 -2.66 47.23
N ALA A 360 -9.40 -2.95 46.81
CA ALA A 360 -8.40 -3.47 47.73
C ALA A 360 -7.98 -2.44 48.76
N TYR A 361 -8.05 -1.16 48.42
CA TYR A 361 -7.76 -0.11 49.40
C TYR A 361 -8.84 -0.04 50.47
N GLU A 362 -10.11 -0.07 50.06
CA GLU A 362 -11.21 0.03 51.03
C GLU A 362 -11.38 -1.26 51.82
N GLN A 363 -10.90 -2.39 51.32
CA GLN A 363 -10.83 -3.60 52.12
C GLN A 363 -9.45 -3.69 52.78
N GLY A 364 -9.26 -4.72 53.59
CA GLY A 364 -7.95 -4.95 54.19
C GLY A 364 -7.14 -5.97 53.42
N VAL A 365 -7.80 -6.65 52.48
CA VAL A 365 -7.18 -7.71 51.68
C VAL A 365 -6.35 -7.02 50.61
N PRO A 366 -5.19 -7.56 50.21
CA PRO A 366 -4.42 -6.90 49.14
C PRO A 366 -5.01 -7.08 47.75
N ILE A 367 -4.29 -6.57 46.75
CA ILE A 367 -4.85 -6.41 45.40
C ILE A 367 -4.99 -7.76 44.71
N ALA A 368 -4.08 -8.69 44.99
CA ALA A 368 -3.95 -9.92 44.21
C ALA A 368 -5.21 -10.79 44.29
N GLU A 369 -5.83 -10.86 45.47
CA GLU A 369 -7.10 -11.57 45.63
C GLU A 369 -8.10 -10.62 46.27
N VAL A 370 -8.73 -9.79 45.45
CA VAL A 370 -9.84 -8.95 45.90
C VAL A 370 -11.08 -9.13 45.05
N ALA A 371 -10.96 -9.60 43.81
CA ALA A 371 -12.08 -9.90 42.94
C ALA A 371 -12.05 -11.39 42.60
N GLU A 372 -12.90 -11.79 41.66
CA GLU A 372 -13.08 -13.21 41.36
C GLU A 372 -11.90 -13.80 40.59
N SER A 373 -11.31 -13.00 39.69
CA SER A 373 -10.25 -13.39 38.75
C SER A 373 -10.69 -14.43 37.73
N GLY A 374 -11.96 -14.85 37.75
CA GLY A 374 -12.54 -15.61 36.67
C GLY A 374 -13.21 -14.64 35.73
N PRO A 375 -13.86 -15.14 34.67
CA PRO A 375 -14.44 -14.24 33.67
C PRO A 375 -15.71 -13.54 34.13
N GLY A 376 -15.61 -12.83 35.25
CA GLY A 376 -16.69 -12.00 35.76
C GLY A 376 -16.13 -10.73 36.35
N LEU A 377 -14.85 -10.46 36.04
CA LEU A 377 -14.19 -9.26 36.56
C LEU A 377 -14.84 -8.00 36.00
N ALA A 378 -15.22 -8.01 34.72
CA ALA A 378 -15.95 -6.89 34.15
C ALA A 378 -17.36 -6.78 34.71
N PHE A 379 -17.88 -7.85 35.29
CA PHE A 379 -19.19 -7.84 35.93
C PHE A 379 -19.08 -7.62 37.43
N ILE A 380 -17.89 -7.37 37.95
CA ILE A 380 -17.66 -7.11 39.37
C ILE A 380 -17.04 -5.73 39.60
N ALA A 381 -15.98 -5.41 38.85
CA ALA A 381 -15.33 -4.11 39.00
C ALA A 381 -16.18 -3.00 38.42
N TYR A 382 -16.69 -3.18 37.20
CA TYR A 382 -17.51 -2.14 36.58
C TYR A 382 -18.80 -1.84 37.31
N PRO A 383 -19.61 -2.82 37.78
CA PRO A 383 -20.75 -2.46 38.64
C PRO A 383 -20.34 -1.88 39.98
N LYS A 384 -19.12 -2.13 40.47
CA LYS A 384 -18.64 -1.43 41.65
C LYS A 384 -18.34 0.02 41.32
N ALA A 385 -17.85 0.28 40.11
CA ALA A 385 -17.54 1.66 39.71
C ALA A 385 -18.79 2.50 39.57
N VAL A 386 -19.86 1.93 38.99
CA VAL A 386 -21.07 2.71 38.74
C VAL A 386 -21.88 2.97 40.01
N THR A 387 -21.56 2.31 41.12
CA THR A 387 -22.24 2.61 42.36
C THR A 387 -21.84 3.97 42.91
N MET A 388 -20.62 4.41 42.65
CA MET A 388 -20.11 5.66 43.19
C MET A 388 -20.47 6.88 42.36
N MET A 389 -21.02 6.69 41.16
CA MET A 389 -21.49 7.81 40.36
C MET A 389 -22.73 8.43 41.01
N PRO A 390 -22.89 9.75 40.91
CA PRO A 390 -24.20 10.34 41.18
C PRO A 390 -25.20 9.86 40.14
N LEU A 391 -26.44 9.62 40.60
CA LEU A 391 -27.49 8.97 39.81
C LEU A 391 -27.00 7.64 39.25
N SER A 392 -26.69 6.74 40.19
CA SER A 392 -26.10 5.45 39.83
C SER A 392 -26.93 4.55 38.91
N PRO A 393 -28.26 4.37 39.06
CA PRO A 393 -28.96 3.46 38.14
C PRO A 393 -28.93 3.88 36.68
N LEU A 394 -28.90 5.19 36.39
CA LEU A 394 -28.82 5.64 35.00
C LEU A 394 -27.50 5.23 34.37
N TRP A 395 -26.38 5.46 35.07
CA TRP A 395 -25.09 5.06 34.55
C TRP A 395 -24.98 3.55 34.44
N ALA A 396 -25.58 2.82 35.39
CA ALA A 396 -25.54 1.37 35.34
C ALA A 396 -26.31 0.82 34.14
N THR A 397 -27.52 1.32 33.89
CA THR A 397 -28.28 0.83 32.75
C THR A 397 -27.68 1.28 31.43
N LEU A 398 -27.04 2.46 31.40
CA LEU A 398 -26.36 2.88 30.18
C LEU A 398 -25.14 1.99 29.91
N PHE A 399 -24.40 1.63 30.96
CA PHE A 399 -23.29 0.69 30.83
C PHE A 399 -23.74 -0.67 30.32
N PHE A 400 -24.83 -1.20 30.89
CA PHE A 400 -25.24 -2.53 30.49
C PHE A 400 -25.85 -2.53 29.09
N MET A 401 -26.52 -1.44 28.70
CA MET A 401 -26.97 -1.32 27.32
C MET A 401 -25.80 -1.19 26.35
N MET A 402 -24.71 -0.53 26.78
CA MET A 402 -23.47 -0.51 26.01
C MET A 402 -22.95 -1.93 25.80
N LEU A 403 -22.94 -2.72 26.88
CA LEU A 403 -22.43 -4.08 26.79
C LEU A 403 -23.28 -4.93 25.86
N ILE A 404 -24.60 -4.75 25.91
CA ILE A 404 -25.49 -5.45 24.99
C ILE A 404 -25.19 -5.06 23.55
N PHE A 405 -24.99 -3.75 23.29
CA PHE A 405 -24.74 -3.30 21.92
C PHE A 405 -23.43 -3.84 21.37
N LEU A 406 -22.34 -3.70 22.14
CA LEU A 406 -21.04 -4.12 21.64
C LEU A 406 -20.82 -5.62 21.75
N GLY A 407 -21.72 -6.37 22.38
CA GLY A 407 -21.67 -7.81 22.27
C GLY A 407 -22.52 -8.29 21.12
N LEU A 408 -23.66 -7.64 20.90
CA LEU A 408 -24.58 -8.03 19.84
C LEU A 408 -24.00 -7.75 18.47
N ASP A 409 -23.22 -6.68 18.31
CA ASP A 409 -22.59 -6.42 17.01
C ASP A 409 -21.60 -7.52 16.65
N SER A 410 -20.77 -7.94 17.61
CA SER A 410 -19.79 -8.98 17.36
C SER A 410 -20.46 -10.34 17.15
N GLN A 411 -21.50 -10.64 17.93
CA GLN A 411 -22.23 -11.89 17.72
C GLN A 411 -22.93 -11.90 16.37
N PHE A 412 -23.47 -10.75 15.95
CA PHE A 412 -24.07 -10.60 14.63
C PHE A 412 -23.08 -10.90 13.52
N VAL A 413 -21.90 -10.26 13.56
CA VAL A 413 -20.94 -10.47 12.47
C VAL A 413 -20.39 -11.89 12.51
N CYS A 414 -20.26 -12.49 13.70
CA CYS A 414 -19.78 -13.86 13.80
C CYS A 414 -20.77 -14.85 13.19
N VAL A 415 -22.05 -14.76 13.58
CA VAL A 415 -23.02 -15.71 13.05
C VAL A 415 -23.27 -15.44 11.57
N GLU A 416 -23.17 -14.18 11.13
CA GLU A 416 -23.35 -13.88 9.71
C GLU A 416 -22.22 -14.44 8.88
N SER A 417 -20.98 -14.30 9.35
CA SER A 417 -19.84 -14.89 8.64
C SER A 417 -19.93 -16.40 8.59
N LEU A 418 -20.33 -17.02 9.71
CA LEU A 418 -20.47 -18.47 9.73
C LEU A 418 -21.56 -18.96 8.78
N VAL A 419 -22.71 -18.29 8.76
CA VAL A 419 -23.79 -18.75 7.90
C VAL A 419 -23.47 -18.48 6.43
N THR A 420 -22.81 -17.36 6.12
CA THR A 420 -22.50 -17.10 4.72
C THR A 420 -21.39 -18.03 4.23
N ALA A 421 -20.48 -18.45 5.12
CA ALA A 421 -19.48 -19.43 4.71
C ALA A 421 -20.11 -20.81 4.51
N VAL A 422 -21.05 -21.20 5.38
CA VAL A 422 -21.62 -22.53 5.25
C VAL A 422 -22.61 -22.60 4.10
N VAL A 423 -23.18 -21.47 3.67
CA VAL A 423 -24.01 -21.49 2.48
C VAL A 423 -23.22 -21.23 1.19
N ASP A 424 -22.01 -20.68 1.30
CA ASP A 424 -21.13 -20.65 0.14
C ASP A 424 -20.54 -22.03 -0.11
N MET A 425 -20.24 -22.78 0.95
CA MET A 425 -19.69 -24.12 0.77
C MET A 425 -20.78 -25.11 0.36
N TYR A 426 -22.02 -24.85 0.76
CA TYR A 426 -23.21 -25.56 0.26
C TYR A 426 -24.07 -24.61 -0.57
N PRO A 427 -23.71 -24.36 -1.83
CA PRO A 427 -24.43 -23.34 -2.61
C PRO A 427 -25.75 -23.79 -3.19
N LYS A 428 -25.85 -25.05 -3.60
CA LYS A 428 -26.98 -25.52 -4.40
C LYS A 428 -28.19 -25.91 -3.56
N VAL A 429 -28.10 -25.88 -2.23
CA VAL A 429 -29.17 -26.33 -1.37
C VAL A 429 -29.79 -25.18 -0.58
N PHE A 430 -28.98 -24.22 -0.14
CA PHE A 430 -29.46 -23.13 0.71
C PHE A 430 -29.66 -21.82 -0.05
N ARG A 431 -29.57 -21.85 -1.38
CA ARG A 431 -29.78 -20.66 -2.20
C ARG A 431 -30.84 -20.89 -3.28
N ARG A 432 -31.68 -21.91 -3.11
CA ARG A 432 -32.69 -22.24 -4.11
C ARG A 432 -34.09 -22.43 -3.56
N GLY A 433 -34.26 -22.65 -2.26
CA GLY A 433 -35.57 -22.96 -1.72
C GLY A 433 -36.03 -22.06 -0.59
N TYR A 434 -35.37 -20.92 -0.43
CA TYR A 434 -35.67 -19.92 0.62
C TYR A 434 -35.60 -20.56 2.01
N ARG A 435 -34.41 -21.04 2.36
CA ARG A 435 -34.19 -21.70 3.63
C ARG A 435 -32.94 -21.21 4.35
N ARG A 436 -32.35 -20.09 3.91
CA ARG A 436 -31.23 -19.51 4.64
C ARG A 436 -31.67 -19.02 6.01
N GLU A 437 -32.80 -18.33 6.08
CA GLU A 437 -33.33 -17.89 7.36
C GLU A 437 -33.76 -19.07 8.23
N LEU A 438 -34.25 -20.14 7.60
CA LEU A 438 -34.55 -21.36 8.35
C LEU A 438 -33.29 -21.98 8.92
N LEU A 439 -32.19 -21.95 8.17
CA LEU A 439 -30.92 -22.45 8.70
C LEU A 439 -30.43 -21.58 9.85
N ILE A 440 -30.61 -20.26 9.74
CA ILE A 440 -30.22 -19.36 10.82
C ILE A 440 -31.05 -19.62 12.07
N LEU A 441 -32.35 -19.85 11.91
CA LEU A 441 -33.21 -20.19 13.04
C LEU A 441 -32.81 -21.52 13.65
N ALA A 442 -32.48 -22.52 12.83
CA ALA A 442 -32.05 -23.82 13.33
C ALA A 442 -30.73 -23.71 14.07
N LEU A 443 -29.79 -22.93 13.54
CA LEU A 443 -28.51 -22.73 14.21
C LEU A 443 -28.68 -22.00 15.53
N SER A 444 -29.57 -20.99 15.57
CA SER A 444 -29.86 -20.29 16.81
C SER A 444 -30.50 -21.20 17.85
N VAL A 445 -31.44 -22.05 17.45
CA VAL A 445 -32.06 -22.98 18.37
C VAL A 445 -31.04 -24.00 18.90
N ILE A 446 -30.20 -24.54 18.02
CA ILE A 446 -29.20 -25.53 18.42
C ILE A 446 -28.17 -24.90 19.36
N SER A 447 -27.70 -23.69 19.05
CA SER A 447 -26.73 -23.04 19.91
C SER A 447 -27.35 -22.54 21.21
N TYR A 448 -28.66 -22.31 21.22
CA TYR A 448 -29.34 -21.98 22.47
C TYR A 448 -29.48 -23.20 23.35
N PHE A 449 -29.72 -24.37 22.73
CA PHE A 449 -29.88 -25.58 23.53
C PHE A 449 -28.54 -26.10 24.04
N LEU A 450 -27.48 -26.03 23.23
CA LEU A 450 -26.17 -26.42 23.72
C LEU A 450 -25.60 -25.39 24.69
N GLY A 451 -25.98 -24.11 24.53
CA GLY A 451 -25.49 -23.08 25.41
C GLY A 451 -26.10 -23.11 26.79
N LEU A 452 -27.24 -23.76 26.96
CA LEU A 452 -27.95 -23.78 28.23
C LEU A 452 -27.26 -24.64 29.29
N VAL A 453 -26.27 -25.45 28.92
CA VAL A 453 -25.57 -26.25 29.91
C VAL A 453 -24.70 -25.39 30.81
N MET A 454 -24.34 -24.19 30.34
CA MET A 454 -23.53 -23.28 31.15
C MET A 454 -24.35 -22.48 32.14
N LEU A 455 -25.66 -22.42 31.96
CA LEU A 455 -26.49 -21.51 32.74
C LEU A 455 -26.96 -22.12 34.04
N THR A 456 -26.50 -23.32 34.36
CA THR A 456 -26.89 -24.00 35.59
C THR A 456 -26.11 -23.41 36.77
N GLU A 457 -26.27 -24.02 37.95
CA GLU A 457 -25.56 -23.53 39.13
C GLU A 457 -24.06 -23.75 39.00
N GLY A 458 -23.65 -24.90 38.47
CA GLY A 458 -22.25 -25.21 38.28
C GLY A 458 -21.73 -25.06 36.88
N GLY A 459 -22.48 -24.42 35.99
CA GLY A 459 -22.05 -24.26 34.62
C GLY A 459 -21.03 -23.16 34.39
N MET A 460 -20.72 -22.39 35.43
CA MET A 460 -19.68 -21.36 35.32
C MET A 460 -18.32 -21.99 35.05
N TYR A 461 -18.06 -23.15 35.65
CA TYR A 461 -16.82 -23.86 35.37
C TYR A 461 -16.77 -24.35 33.93
N ILE A 462 -17.91 -24.78 33.39
CA ILE A 462 -17.97 -25.19 31.99
C ILE A 462 -17.72 -23.99 31.07
N PHE A 463 -18.28 -22.84 31.42
CA PHE A 463 -18.03 -21.63 30.63
C PHE A 463 -16.57 -21.22 30.68
N GLN A 464 -15.95 -21.33 31.86
CA GLN A 464 -14.53 -21.00 31.99
C GLN A 464 -13.67 -21.97 31.17
N LEU A 465 -14.01 -23.25 31.21
CA LEU A 465 -13.29 -24.25 30.41
C LEU A 465 -13.40 -23.96 28.93
N PHE A 466 -14.60 -23.66 28.44
CA PHE A 466 -14.74 -23.43 27.01
C PHE A 466 -14.16 -22.08 26.59
N ASP A 467 -14.15 -21.10 27.49
CA ASP A 467 -13.50 -19.83 27.20
C ASP A 467 -11.99 -20.00 27.09
N SER A 468 -11.39 -20.78 27.99
CA SER A 468 -9.94 -20.95 27.95
C SER A 468 -9.48 -22.01 26.97
N TYR A 469 -10.37 -22.85 26.45
CA TYR A 469 -9.95 -23.95 25.60
C TYR A 469 -10.63 -23.99 24.23
N ALA A 470 -11.49 -23.02 23.90
CA ALA A 470 -12.17 -23.06 22.61
C ALA A 470 -11.70 -21.96 21.66
N ALA A 471 -11.93 -20.71 22.00
CA ALA A 471 -11.34 -19.59 21.25
C ALA A 471 -10.12 -19.04 21.97
N SER A 472 -9.21 -19.92 22.37
CA SER A 472 -8.05 -19.54 23.17
C SER A 472 -7.09 -20.71 23.21
N GLY A 473 -5.87 -20.41 23.63
CA GLY A 473 -4.86 -21.44 23.85
C GLY A 473 -4.43 -22.12 22.57
N MET A 474 -4.49 -23.45 22.61
CA MET A 474 -3.84 -24.25 21.59
C MET A 474 -4.57 -24.21 20.26
N CYS A 475 -5.89 -23.95 20.28
CA CYS A 475 -6.63 -23.84 19.03
C CYS A 475 -6.14 -22.66 18.20
N LEU A 476 -6.10 -21.47 18.82
CA LEU A 476 -5.65 -20.28 18.11
C LEU A 476 -4.17 -20.37 17.78
N LEU A 477 -3.36 -20.94 18.69
CA LEU A 477 -1.94 -21.08 18.41
C LEU A 477 -1.67 -22.02 17.23
N PHE A 478 -2.37 -23.16 17.18
CA PHE A 478 -2.20 -24.11 16.09
C PHE A 478 -2.67 -23.52 14.75
N VAL A 479 -3.81 -22.83 14.77
CA VAL A 479 -4.33 -22.28 13.51
C VAL A 479 -3.43 -21.15 13.01
N ALA A 480 -2.90 -20.31 13.92
CA ALA A 480 -1.97 -19.27 13.51
C ALA A 480 -0.67 -19.86 12.96
N ILE A 481 -0.16 -20.92 13.61
CA ILE A 481 1.05 -21.57 13.14
C ILE A 481 0.87 -22.11 11.73
N PHE A 482 -0.25 -22.81 11.50
CA PHE A 482 -0.42 -23.46 10.20
C PHE A 482 -0.78 -22.45 9.12
N GLU A 483 -1.48 -21.38 9.48
CA GLU A 483 -1.75 -20.29 8.55
C GLU A 483 -0.45 -19.64 8.08
N CYS A 484 0.43 -19.31 9.03
CA CYS A 484 1.67 -18.64 8.67
C CYS A 484 2.62 -19.57 7.92
N ILE A 485 2.63 -20.86 8.26
CA ILE A 485 3.42 -21.82 7.47
C ILE A 485 2.89 -21.90 6.05
N CYS A 486 1.57 -21.95 5.88
CA CYS A 486 0.97 -22.01 4.55
C CYS A 486 1.37 -20.82 3.70
N ILE A 487 1.18 -19.61 4.22
CA ILE A 487 1.50 -18.42 3.42
C ILE A 487 3.01 -18.27 3.22
N GLY A 488 3.80 -18.42 4.28
CA GLY A 488 5.21 -18.16 4.18
C GLY A 488 6.01 -19.22 3.44
N TRP A 489 5.48 -20.44 3.34
CA TRP A 489 6.30 -21.45 2.70
C TRP A 489 5.60 -22.18 1.57
N VAL A 490 4.31 -22.45 1.69
CA VAL A 490 3.63 -23.27 0.69
C VAL A 490 3.14 -22.42 -0.47
N TYR A 491 2.42 -21.34 -0.16
CA TYR A 491 2.03 -20.40 -1.20
C TYR A 491 3.21 -19.54 -1.64
N GLY A 492 4.21 -19.37 -0.79
CA GLY A 492 5.35 -18.53 -1.12
C GLY A 492 5.11 -17.10 -0.71
N SER A 493 5.98 -16.56 0.15
CA SER A 493 5.81 -15.18 0.58
C SER A 493 6.15 -14.19 -0.51
N ASN A 494 6.99 -14.56 -1.48
CA ASN A 494 7.26 -13.67 -2.60
C ASN A 494 6.03 -13.50 -3.48
N ARG A 495 5.31 -14.60 -3.75
CA ARG A 495 4.09 -14.52 -4.54
C ARG A 495 3.01 -13.73 -3.81
N PHE A 496 2.87 -13.92 -2.50
CA PHE A 496 1.87 -13.18 -1.75
C PHE A 496 2.25 -11.70 -1.63
N SER A 497 3.54 -11.40 -1.51
CA SER A 497 3.97 -10.00 -1.50
C SER A 497 3.71 -9.33 -2.84
N GLU A 498 3.90 -10.07 -3.93
CA GLU A 498 3.56 -9.56 -5.26
C GLU A 498 2.05 -9.33 -5.39
N ASP A 499 1.24 -10.23 -4.84
CA ASP A 499 -0.20 -10.05 -4.84
C ASP A 499 -0.61 -8.81 -4.06
N ILE A 500 0.03 -8.60 -2.90
CA ILE A 500 -0.25 -7.42 -2.09
C ILE A 500 0.19 -6.15 -2.82
N ARG A 501 1.31 -6.21 -3.54
CA ARG A 501 1.75 -5.08 -4.36
C ARG A 501 0.73 -4.77 -5.45
N ASP A 502 0.19 -5.81 -6.09
CA ASP A 502 -0.84 -5.58 -7.11
C ASP A 502 -2.13 -5.06 -6.50
N MET A 503 -2.41 -5.42 -5.25
CA MET A 503 -3.65 -5.01 -4.61
C MET A 503 -3.58 -3.56 -4.12
N ILE A 504 -2.65 -3.28 -3.20
CA ILE A 504 -2.62 -2.00 -2.50
C ILE A 504 -1.61 -1.02 -3.09
N GLY A 505 -0.68 -1.48 -3.92
CA GLY A 505 0.28 -0.58 -4.52
C GLY A 505 1.71 -0.86 -4.16
N PHE A 506 1.96 -1.27 -2.92
CA PHE A 506 3.32 -1.45 -2.43
C PHE A 506 3.44 -2.79 -1.71
N PRO A 507 4.61 -3.43 -1.77
CA PRO A 507 4.79 -4.72 -1.09
C PRO A 507 4.89 -4.55 0.41
N PRO A 508 4.80 -5.63 1.17
CA PRO A 508 5.08 -5.54 2.60
C PRO A 508 6.53 -5.16 2.83
N PRO A 509 6.84 -4.50 3.96
CA PRO A 509 8.19 -3.94 4.16
C PRO A 509 9.25 -4.97 4.52
N SER A 510 8.95 -6.25 4.31
CA SER A 510 9.79 -7.43 4.48
C SER A 510 10.03 -7.78 5.93
N LEU A 511 9.66 -6.88 6.85
CA LEU A 511 9.61 -7.26 8.26
C LEU A 511 8.41 -8.15 8.51
N ILE A 512 7.26 -7.81 7.92
CA ILE A 512 6.09 -8.68 7.96
C ILE A 512 6.36 -9.97 7.20
N LYS A 513 7.13 -9.91 6.11
CA LYS A 513 7.49 -11.12 5.38
C LYS A 513 8.32 -12.06 6.24
N TRP A 514 9.37 -11.53 6.88
CA TRP A 514 10.20 -12.38 7.74
C TRP A 514 9.43 -12.82 8.98
N CYS A 515 8.44 -12.05 9.41
CA CYS A 515 7.54 -12.51 10.45
C CYS A 515 6.72 -13.71 9.99
N TRP A 516 6.27 -13.68 8.73
CA TRP A 516 5.54 -14.82 8.18
C TRP A 516 6.42 -16.05 8.09
N MET A 517 7.69 -15.89 7.70
CA MET A 517 8.55 -17.07 7.59
C MET A 517 8.96 -17.59 8.97
N ILE A 518 9.70 -16.80 9.74
CA ILE A 518 10.45 -17.39 10.86
C ILE A 518 10.05 -16.81 12.21
N MET A 519 9.53 -15.59 12.25
CA MET A 519 9.29 -14.97 13.54
C MET A 519 7.99 -15.45 14.17
N THR A 520 6.85 -15.22 13.49
CA THR A 520 5.56 -15.61 14.06
C THR A 520 5.40 -17.13 14.23
N PRO A 521 5.65 -17.99 13.22
CA PRO A 521 5.54 -19.44 13.51
C PRO A 521 6.56 -19.92 14.51
N GLY A 522 7.77 -19.32 14.52
CA GLY A 522 8.77 -19.71 15.50
C GLY A 522 8.34 -19.40 16.93
N ILE A 523 7.84 -18.18 17.16
CA ILE A 523 7.45 -17.82 18.51
C ILE A 523 6.18 -18.57 18.92
N CYS A 524 5.26 -18.81 17.99
CA CYS A 524 4.03 -19.50 18.37
C CYS A 524 4.28 -20.99 18.61
N ALA A 525 5.17 -21.59 17.83
CA ALA A 525 5.57 -22.97 18.11
C ALA A 525 6.37 -23.08 19.40
N GLY A 526 7.19 -22.08 19.70
CA GLY A 526 7.87 -22.07 20.99
C GLY A 526 6.92 -21.98 22.16
N ILE A 527 5.90 -21.13 22.05
CA ILE A 527 4.90 -21.02 23.11
C ILE A 527 4.08 -22.30 23.22
N PHE A 528 3.76 -22.92 22.07
CA PHE A 528 3.04 -24.20 22.05
C PHE A 528 3.84 -25.28 22.78
N ILE A 529 5.11 -25.44 22.42
CA ILE A 529 5.94 -26.48 23.04
C ILE A 529 6.17 -26.18 24.51
N PHE A 530 6.37 -24.90 24.85
CA PHE A 530 6.61 -24.51 26.24
C PHE A 530 5.39 -24.78 27.11
N PHE A 531 4.19 -24.55 26.57
CA PHE A 531 2.99 -24.92 27.30
C PHE A 531 2.83 -26.43 27.40
N LEU A 532 3.22 -27.16 26.35
CA LEU A 532 3.01 -28.60 26.34
C LEU A 532 3.92 -29.32 27.34
N ILE A 533 5.20 -28.99 27.35
CA ILE A 533 6.13 -29.75 28.20
C ILE A 533 5.95 -29.37 29.67
N LYS A 534 5.79 -28.07 29.96
CA LYS A 534 5.60 -27.61 31.33
C LYS A 534 4.12 -27.30 31.52
N TYR A 535 3.34 -28.37 31.68
CA TYR A 535 1.90 -28.25 31.84
C TYR A 535 1.57 -27.70 33.22
N LYS A 536 0.69 -26.71 33.27
CA LYS A 536 0.19 -26.18 34.52
C LYS A 536 -1.33 -26.27 34.53
N PRO A 537 -1.94 -26.80 35.60
CA PRO A 537 -3.40 -26.93 35.62
C PRO A 537 -4.09 -25.57 35.72
N LEU A 538 -5.32 -25.53 35.22
CA LEU A 538 -6.11 -24.30 35.22
C LEU A 538 -7.01 -24.28 36.45
N LYS A 539 -7.01 -23.15 37.15
CA LYS A 539 -7.80 -22.97 38.37
C LYS A 539 -8.74 -21.79 38.18
N TYR A 540 -10.01 -21.98 38.54
CA TYR A 540 -11.04 -20.98 38.30
C TYR A 540 -10.82 -19.70 39.09
N ASN A 541 -10.95 -19.75 40.41
CA ASN A 541 -10.66 -18.60 41.27
C ASN A 541 -9.25 -18.70 41.82
N ASN A 542 -8.31 -18.99 40.92
CA ASN A 542 -6.87 -19.13 41.13
C ASN A 542 -6.49 -20.30 42.04
N ILE A 543 -7.48 -20.91 42.72
CA ILE A 543 -7.37 -22.19 43.41
C ILE A 543 -8.66 -22.99 43.20
N TYR A 544 -8.65 -23.90 42.25
CA TYR A 544 -9.75 -24.85 42.22
C TYR A 544 -9.28 -26.29 42.02
N THR A 545 -8.26 -26.52 41.20
CA THR A 545 -7.73 -27.84 40.87
C THR A 545 -8.84 -28.73 40.29
N TYR A 546 -9.24 -28.37 39.05
CA TYR A 546 -10.27 -29.01 38.24
C TYR A 546 -10.18 -30.53 38.26
N PRO A 547 -11.31 -31.23 38.18
CA PRO A 547 -11.27 -32.69 38.03
C PRO A 547 -10.67 -33.09 36.68
N ALA A 548 -10.16 -34.32 36.64
CA ALA A 548 -9.43 -34.79 35.46
C ALA A 548 -10.35 -34.92 34.25
N TRP A 549 -11.63 -35.21 34.45
CA TRP A 549 -12.53 -35.34 33.31
C TRP A 549 -12.87 -33.99 32.70
N GLY A 550 -12.86 -32.92 33.51
CA GLY A 550 -13.04 -31.59 32.96
C GLY A 550 -11.88 -31.18 32.06
N TYR A 551 -10.65 -31.44 32.50
CA TYR A 551 -9.50 -31.23 31.64
C TYR A 551 -9.55 -32.13 30.42
N GLY A 552 -10.06 -33.35 30.58
CA GLY A 552 -10.17 -34.26 29.45
C GLY A 552 -11.14 -33.77 28.39
N ILE A 553 -12.30 -33.28 28.81
CA ILE A 553 -13.27 -32.79 27.83
C ILE A 553 -12.81 -31.46 27.23
N GLY A 554 -12.13 -30.62 28.01
CA GLY A 554 -11.59 -29.38 27.47
C GLY A 554 -10.53 -29.63 26.42
N TRP A 555 -9.60 -30.55 26.71
CA TRP A 555 -8.60 -30.93 25.73
C TRP A 555 -9.21 -31.66 24.54
N LEU A 556 -10.30 -32.40 24.77
CA LEU A 556 -10.98 -33.09 23.67
C LEU A 556 -11.56 -32.09 22.68
N MET A 557 -12.24 -31.06 23.18
CA MET A 557 -12.80 -30.09 22.24
C MET A 557 -11.74 -29.15 21.69
N ALA A 558 -10.66 -28.91 22.44
CA ALA A 558 -9.55 -28.13 21.89
C ALA A 558 -8.84 -28.88 20.77
N LEU A 559 -8.74 -30.21 20.90
CA LEU A 559 -8.23 -31.03 19.81
C LEU A 559 -9.19 -31.00 18.62
N SER A 560 -10.48 -31.22 18.88
CA SER A 560 -11.47 -31.26 17.80
C SER A 560 -11.63 -29.92 17.09
N SER A 561 -11.22 -28.83 17.73
CA SER A 561 -11.15 -27.56 17.04
C SER A 561 -9.93 -27.47 16.13
N MET A 562 -8.86 -28.19 16.43
CA MET A 562 -7.60 -28.05 15.69
C MET A 562 -7.10 -29.33 15.05
N LEU A 563 -7.74 -30.49 15.26
CA LEU A 563 -7.33 -31.68 14.54
C LEU A 563 -7.94 -31.77 13.16
N CYS A 564 -8.75 -30.79 12.76
CA CYS A 564 -9.39 -30.82 11.46
C CYS A 564 -8.42 -30.51 10.33
N ILE A 565 -7.30 -29.86 10.63
CA ILE A 565 -6.29 -29.57 9.60
C ILE A 565 -5.55 -30.85 9.19
N PRO A 566 -4.93 -31.65 10.08
CA PRO A 566 -4.28 -32.87 9.60
C PRO A 566 -5.27 -33.92 9.11
N LEU A 567 -6.49 -33.92 9.66
CA LEU A 567 -7.53 -34.83 9.14
C LEU A 567 -7.89 -34.49 7.71
N TRP A 568 -8.03 -33.18 7.41
CA TRP A 568 -8.33 -32.79 6.03
C TRP A 568 -7.15 -33.05 5.12
N ILE A 569 -5.92 -32.88 5.62
CA ILE A 569 -4.74 -33.23 4.84
C ILE A 569 -4.75 -34.71 4.49
N CYS A 570 -5.09 -35.57 5.47
CA CYS A 570 -5.13 -37.01 5.25
C CYS A 570 -6.20 -37.40 4.23
N ILE A 571 -7.41 -36.84 4.36
CA ILE A 571 -8.45 -37.25 3.40
C ILE A 571 -8.22 -36.62 2.02
N THR A 572 -7.54 -35.47 1.94
CA THR A 572 -7.20 -34.93 0.63
C THR A 572 -6.12 -35.77 -0.04
N VAL A 573 -5.16 -36.28 0.74
CA VAL A 573 -4.16 -37.18 0.17
C VAL A 573 -4.80 -38.49 -0.27
N TRP A 574 -5.69 -39.05 0.55
CA TRP A 574 -6.31 -40.33 0.22
C TRP A 574 -7.30 -40.22 -0.93
N LYS A 575 -8.01 -39.09 -1.03
CA LYS A 575 -9.06 -38.95 -2.04
C LYS A 575 -8.49 -38.88 -3.45
N THR A 576 -7.48 -38.04 -3.65
CA THR A 576 -6.81 -37.90 -4.94
C THR A 576 -5.35 -38.31 -4.76
N GLU A 577 -5.01 -39.50 -5.22
CA GLU A 577 -3.67 -40.06 -5.07
C GLU A 577 -3.04 -40.30 -6.43
N GLY A 578 -1.82 -39.78 -6.61
CA GLY A 578 -1.03 -40.01 -7.81
C GLY A 578 0.42 -40.24 -7.45
N THR A 579 0.64 -40.91 -6.31
CA THR A 579 1.90 -41.06 -5.57
C THR A 579 2.37 -39.73 -4.99
N LEU A 580 3.34 -39.80 -4.07
CA LEU A 580 3.67 -38.67 -3.20
C LEU A 580 4.12 -37.39 -3.91
N PRO A 581 5.08 -37.41 -4.86
CA PRO A 581 5.49 -36.12 -5.43
C PRO A 581 4.43 -35.48 -6.30
N GLU A 582 3.69 -36.26 -7.08
CA GLU A 582 2.59 -35.70 -7.85
C GLU A 582 1.46 -35.21 -6.94
N LYS A 583 1.24 -35.90 -5.82
CA LYS A 583 0.22 -35.45 -4.86
C LYS A 583 0.60 -34.10 -4.27
N LEU A 584 1.85 -33.94 -3.83
CA LEU A 584 2.25 -32.67 -3.24
C LEU A 584 2.32 -31.56 -4.29
N GLN A 585 2.67 -31.90 -5.54
CA GLN A 585 2.68 -30.89 -6.60
C GLN A 585 1.27 -30.44 -6.95
N LYS A 586 0.31 -31.37 -7.01
CA LYS A 586 -1.06 -31.00 -7.36
C LYS A 586 -1.82 -30.40 -6.19
N LEU A 587 -1.35 -30.58 -4.95
CA LEU A 587 -1.99 -29.93 -3.82
C LEU A 587 -1.36 -28.58 -3.47
N THR A 588 -0.07 -28.40 -3.75
CA THR A 588 0.57 -27.12 -3.49
C THR A 588 0.10 -26.06 -4.47
N THR A 589 -0.19 -26.45 -5.71
CA THR A 589 -0.55 -25.51 -6.76
C THR A 589 -1.93 -24.91 -6.48
N PRO A 590 -2.07 -23.58 -6.52
CA PRO A 590 -3.40 -22.96 -6.29
C PRO A 590 -4.37 -23.19 -7.43
N SER A 591 -5.57 -22.63 -7.30
CA SER A 591 -6.66 -22.88 -8.24
C SER A 591 -7.08 -21.57 -8.90
N THR A 592 -7.20 -21.60 -10.22
CA THR A 592 -7.70 -20.51 -11.09
C THR A 592 -6.88 -19.24 -10.88
N ASP A 593 -7.50 -18.08 -11.08
CA ASP A 593 -6.84 -16.80 -11.00
C ASP A 593 -7.02 -16.12 -9.64
N LEU A 594 -7.57 -16.84 -8.66
CA LEU A 594 -7.82 -16.36 -7.30
C LEU A 594 -8.70 -15.10 -7.28
N GLU B 1 25.89 3.30 -9.40
CA GLU B 1 25.30 2.40 -8.41
C GLU B 1 24.32 1.44 -9.08
N VAL B 2 23.24 1.98 -9.63
CA VAL B 2 22.22 1.21 -10.32
C VAL B 2 22.19 1.64 -11.77
N GLN B 3 22.38 0.69 -12.68
CA GLN B 3 22.45 0.96 -14.11
C GLN B 3 21.36 0.16 -14.83
N LEU B 4 20.37 0.86 -15.38
CA LEU B 4 19.34 0.24 -16.19
C LEU B 4 19.71 0.37 -17.67
N VAL B 5 20.81 -0.28 -18.03
CA VAL B 5 21.29 -0.22 -19.42
C VAL B 5 20.34 -0.99 -20.32
N GLU B 6 20.17 -0.50 -21.54
CA GLU B 6 19.23 -1.08 -22.48
C GLU B 6 19.93 -1.39 -23.79
N SER B 7 19.44 -2.43 -24.47
CA SER B 7 19.96 -2.81 -25.77
C SER B 7 18.83 -2.89 -26.78
N GLY B 8 19.11 -3.37 -27.98
CA GLY B 8 18.09 -3.50 -29.00
C GLY B 8 17.71 -2.17 -29.61
N GLY B 9 16.70 -2.23 -30.47
CA GLY B 9 16.22 -1.04 -31.14
C GLY B 9 16.99 -0.74 -32.41
N GLY B 10 16.38 0.08 -33.25
CA GLY B 10 16.95 0.46 -34.53
C GLY B 10 15.87 0.60 -35.57
N LEU B 11 16.28 0.61 -36.83
CA LEU B 11 15.35 0.75 -37.93
C LEU B 11 14.71 -0.61 -38.21
N VAL B 12 13.37 -0.63 -38.27
CA VAL B 12 12.63 -1.82 -38.61
C VAL B 12 11.60 -1.49 -39.68
N LYS B 13 11.23 -2.50 -40.46
CA LYS B 13 10.25 -2.32 -41.51
C LYS B 13 8.85 -2.17 -40.90
N PRO B 14 7.94 -1.48 -41.59
CA PRO B 14 6.55 -1.44 -41.11
C PRO B 14 5.90 -2.81 -41.19
N GLY B 15 5.23 -3.20 -40.11
CA GLY B 15 4.64 -4.51 -40.01
C GLY B 15 5.59 -5.61 -39.58
N GLY B 16 6.85 -5.28 -39.27
CA GLY B 16 7.81 -6.27 -38.85
C GLY B 16 7.75 -6.57 -37.37
N SER B 17 8.90 -6.84 -36.77
CA SER B 17 8.96 -7.15 -35.35
C SER B 17 10.32 -6.78 -34.80
N LEU B 18 10.36 -6.43 -33.51
CA LEU B 18 11.59 -6.06 -32.83
C LEU B 18 11.56 -6.61 -31.42
N LYS B 19 12.75 -6.82 -30.86
CA LYS B 19 12.90 -7.40 -29.51
C LYS B 19 13.85 -6.51 -28.71
N LEU B 20 13.28 -5.59 -27.93
CA LEU B 20 14.08 -4.75 -27.05
C LEU B 20 14.43 -5.48 -25.77
N SER B 21 15.66 -5.24 -25.30
CA SER B 21 16.18 -5.88 -24.10
C SER B 21 16.68 -4.82 -23.14
N CYS B 22 16.31 -4.94 -21.87
CA CYS B 22 16.74 -4.03 -20.82
C CYS B 22 17.47 -4.84 -19.75
N ALA B 23 18.71 -4.47 -19.48
CA ALA B 23 19.55 -5.18 -18.52
C ALA B 23 19.67 -4.36 -17.24
N ALA B 24 19.44 -4.99 -16.10
CA ALA B 24 19.48 -4.32 -14.81
C ALA B 24 20.61 -4.88 -13.97
N SER B 25 21.18 -4.02 -13.12
CA SER B 25 22.28 -4.42 -12.26
C SER B 25 22.30 -3.51 -11.04
N GLY B 26 23.04 -3.94 -10.03
CA GLY B 26 23.19 -3.17 -8.81
C GLY B 26 22.08 -3.31 -7.80
N PHE B 27 21.07 -4.11 -8.09
CA PHE B 27 19.94 -4.30 -7.17
C PHE B 27 19.28 -5.62 -7.47
N THR B 28 18.35 -6.01 -6.59
CA THR B 28 17.59 -7.24 -6.76
C THR B 28 16.51 -7.01 -7.81
N PHE B 29 16.71 -7.58 -9.00
CA PHE B 29 15.76 -7.38 -10.10
C PHE B 29 14.45 -8.11 -9.84
N SER B 30 14.47 -9.17 -9.04
CA SER B 30 13.26 -9.94 -8.78
C SER B 30 12.36 -9.31 -7.72
N SER B 31 12.81 -8.24 -7.07
CA SER B 31 12.05 -7.62 -5.99
C SER B 31 11.40 -6.30 -6.41
N TYR B 32 11.66 -5.82 -7.62
CA TYR B 32 11.10 -4.56 -8.09
C TYR B 32 10.40 -4.79 -9.43
N ALA B 33 9.19 -4.27 -9.56
CA ALA B 33 8.45 -4.39 -10.81
C ALA B 33 9.08 -3.49 -11.88
N MET B 34 8.72 -3.77 -13.13
CA MET B 34 9.32 -3.08 -14.26
C MET B 34 8.23 -2.57 -15.18
N SER B 35 8.57 -1.52 -15.95
CA SER B 35 7.66 -0.93 -16.90
C SER B 35 8.47 -0.38 -18.07
N TRP B 36 7.80 -0.25 -19.21
CA TRP B 36 8.39 0.35 -20.40
C TRP B 36 7.66 1.64 -20.71
N VAL B 37 8.41 2.73 -20.85
CA VAL B 37 7.85 4.05 -21.15
C VAL B 37 8.49 4.52 -22.45
N ARG B 38 7.68 5.01 -23.38
CA ARG B 38 8.17 5.49 -24.65
C ARG B 38 7.96 6.99 -24.76
N GLN B 39 8.80 7.63 -25.60
CA GLN B 39 8.73 9.06 -25.82
C GLN B 39 8.64 9.31 -27.31
N SER B 40 7.54 9.93 -27.73
CA SER B 40 7.29 10.21 -29.14
C SER B 40 8.29 11.24 -29.67
N PRO B 41 8.51 11.28 -30.99
CA PRO B 41 9.36 12.34 -31.56
C PRO B 41 8.81 13.75 -31.35
N GLU B 42 7.52 13.90 -31.04
CA GLU B 42 6.95 15.17 -30.61
C GLU B 42 7.15 15.43 -29.12
N LYS B 43 8.00 14.64 -28.46
CA LYS B 43 8.31 14.74 -27.03
C LYS B 43 7.06 14.59 -26.18
N ARG B 44 6.26 13.56 -26.50
CA ARG B 44 5.08 13.19 -25.73
C ARG B 44 5.35 11.85 -25.07
N LEU B 45 5.23 11.80 -23.74
CA LEU B 45 5.56 10.62 -22.96
C LEU B 45 4.29 9.82 -22.70
N GLU B 46 4.37 8.50 -22.88
CA GLU B 46 3.25 7.63 -22.61
C GLU B 46 3.76 6.28 -22.14
N TRP B 47 2.95 5.60 -21.34
CA TRP B 47 3.31 4.31 -20.75
C TRP B 47 2.87 3.18 -21.68
N VAL B 48 3.73 2.17 -21.81
CA VAL B 48 3.53 1.08 -22.75
C VAL B 48 3.07 -0.19 -22.06
N ALA B 49 3.85 -0.70 -21.11
CA ALA B 49 3.54 -1.96 -20.46
C ALA B 49 4.09 -1.95 -19.04
N GLU B 50 3.70 -2.95 -18.26
CA GLU B 50 4.21 -3.13 -16.91
C GLU B 50 4.10 -4.59 -16.52
N ILE B 51 5.20 -5.17 -16.05
CA ILE B 51 5.20 -6.51 -15.51
C ILE B 51 5.53 -6.42 -14.02
N SER B 52 4.97 -7.34 -13.25
CA SER B 52 5.16 -7.33 -11.81
C SER B 52 6.53 -7.91 -11.45
N SER B 53 6.77 -8.05 -10.14
CA SER B 53 8.04 -8.59 -9.68
C SER B 53 8.16 -10.09 -9.92
N GLY B 54 7.05 -10.79 -10.11
CA GLY B 54 7.09 -12.20 -10.38
C GLY B 54 7.06 -12.52 -11.86
N GLY B 55 6.08 -11.96 -12.58
CA GLY B 55 6.00 -12.15 -14.00
C GLY B 55 4.65 -12.64 -14.50
N ARG B 56 3.63 -12.59 -13.64
CA ARG B 56 2.29 -13.02 -14.01
C ARG B 56 1.26 -11.91 -14.00
N TYR B 57 1.55 -10.76 -13.38
CA TYR B 57 0.65 -9.61 -13.39
C TYR B 57 1.17 -8.64 -14.44
N ILE B 58 0.54 -8.65 -15.61
CA ILE B 58 1.00 -7.91 -16.77
C ILE B 58 -0.10 -6.94 -17.19
N TYR B 59 0.25 -5.67 -17.32
CA TYR B 59 -0.68 -4.64 -17.75
C TYR B 59 -0.18 -3.99 -19.04
N TYR B 60 -1.12 -3.56 -19.88
CA TYR B 60 -0.80 -2.89 -21.13
C TYR B 60 -1.65 -1.63 -21.25
N SER B 61 -1.18 -0.70 -22.07
CA SER B 61 -1.98 0.45 -22.44
C SER B 61 -2.88 0.09 -23.63
N ASP B 62 -3.89 0.94 -23.85
CA ASP B 62 -4.86 0.67 -24.90
C ASP B 62 -4.33 0.88 -26.31
N THR B 63 -3.16 1.48 -26.45
CA THR B 63 -2.58 1.72 -27.77
C THR B 63 -1.68 0.60 -28.25
N VAL B 64 -1.18 -0.24 -27.35
CA VAL B 64 -0.22 -1.30 -27.69
C VAL B 64 -0.72 -2.68 -27.32
N THR B 65 -1.93 -2.80 -26.76
CA THR B 65 -2.42 -4.10 -26.33
C THR B 65 -2.72 -4.99 -27.55
N GLY B 66 -2.46 -6.28 -27.38
CA GLY B 66 -2.65 -7.27 -28.44
C GLY B 66 -1.42 -7.53 -29.28
N ARG B 67 -0.66 -6.49 -29.61
CA ARG B 67 0.54 -6.63 -30.42
C ARG B 67 1.81 -6.68 -29.60
N PHE B 68 1.79 -6.18 -28.37
CA PHE B 68 2.98 -6.04 -27.54
C PHE B 68 2.97 -7.10 -26.45
N THR B 69 4.08 -7.81 -26.30
CA THR B 69 4.24 -8.73 -25.18
C THR B 69 5.49 -8.34 -24.40
N ILE B 70 5.42 -8.51 -23.08
CA ILE B 70 6.51 -8.15 -22.19
C ILE B 70 6.91 -9.39 -21.40
N SER B 71 8.20 -9.66 -21.34
CA SER B 71 8.74 -10.83 -20.68
C SER B 71 9.60 -10.40 -19.50
N ARG B 72 10.15 -11.40 -18.80
CA ARG B 72 10.99 -11.15 -17.64
C ARG B 72 11.93 -12.32 -17.46
N ASP B 73 13.05 -12.08 -16.78
CA ASP B 73 14.00 -13.13 -16.46
C ASP B 73 14.76 -12.69 -15.22
N ASN B 74 14.39 -13.25 -14.06
CA ASN B 74 15.02 -12.89 -12.81
C ASN B 74 16.37 -13.56 -12.61
N ALA B 75 16.73 -14.52 -13.45
CA ALA B 75 18.00 -15.23 -13.28
C ALA B 75 19.17 -14.37 -13.78
N ARG B 76 19.10 -13.92 -15.03
CA ARG B 76 20.17 -13.12 -15.62
C ARG B 76 19.94 -11.62 -15.47
N ASN B 77 18.90 -11.22 -14.73
CA ASN B 77 18.58 -9.83 -14.40
C ASN B 77 18.36 -9.01 -15.67
N ILE B 78 17.47 -9.51 -16.52
CA ILE B 78 17.23 -8.90 -17.83
C ILE B 78 15.72 -8.77 -18.03
N LEU B 79 15.35 -7.84 -18.90
CA LEU B 79 13.96 -7.54 -19.21
C LEU B 79 13.79 -7.55 -20.74
N HIS B 80 12.57 -7.82 -21.19
CA HIS B 80 12.30 -7.92 -22.61
C HIS B 80 10.97 -7.23 -22.94
N LEU B 81 10.83 -6.87 -24.21
CA LEU B 81 9.58 -6.33 -24.73
C LEU B 81 9.55 -6.61 -26.23
N GLU B 82 8.73 -7.59 -26.63
CA GLU B 82 8.64 -8.01 -28.02
C GLU B 82 7.35 -7.46 -28.63
N MET B 83 7.48 -6.87 -29.82
CA MET B 83 6.36 -6.27 -30.53
C MET B 83 6.16 -6.94 -31.88
N SER B 84 4.93 -6.88 -32.38
CA SER B 84 4.61 -7.39 -33.70
C SER B 84 3.71 -6.39 -34.41
N SER B 85 3.76 -6.41 -35.74
CA SER B 85 2.98 -5.53 -36.62
C SER B 85 3.22 -4.06 -36.28
N LEU B 86 4.49 -3.67 -36.35
CA LEU B 86 4.87 -2.29 -36.05
C LEU B 86 4.43 -1.37 -37.19
N ARG B 87 3.70 -0.33 -36.83
CA ARG B 87 3.24 0.65 -37.80
C ARG B 87 4.09 1.91 -37.71
N SER B 88 3.69 2.96 -38.42
CA SER B 88 4.43 4.22 -38.40
C SER B 88 4.06 5.09 -37.22
N GLU B 89 3.11 4.67 -36.38
CA GLU B 89 2.64 5.49 -35.27
C GLU B 89 3.33 5.18 -33.96
N ASP B 90 3.86 3.97 -33.78
CA ASP B 90 4.55 3.59 -32.55
C ASP B 90 6.06 3.68 -32.68
N THR B 91 6.55 4.66 -33.43
CA THR B 91 7.97 5.01 -33.41
C THR B 91 8.23 6.00 -32.27
N ALA B 92 9.28 5.74 -31.52
CA ALA B 92 9.55 6.47 -30.28
C ALA B 92 10.98 6.15 -29.85
N MET B 93 11.33 6.58 -28.63
CA MET B 93 12.59 6.20 -27.99
C MET B 93 12.24 5.61 -26.63
N TYR B 94 12.33 4.29 -26.51
CA TYR B 94 11.74 3.57 -25.39
C TYR B 94 12.67 3.56 -24.20
N TYR B 95 12.12 3.88 -23.02
CA TYR B 95 12.85 3.85 -21.77
C TYR B 95 12.51 2.59 -20.99
N CYS B 96 13.41 2.21 -20.10
CA CYS B 96 13.21 1.05 -19.21
C CYS B 96 13.08 1.60 -17.80
N ALA B 97 11.85 1.98 -17.43
CA ALA B 97 11.61 2.53 -16.11
C ALA B 97 11.55 1.41 -15.08
N ARG B 98 11.66 1.80 -13.81
CA ARG B 98 11.59 0.87 -12.69
C ARG B 98 10.65 1.45 -11.65
N GLY B 99 9.46 0.87 -11.53
CA GLY B 99 8.53 1.26 -10.49
C GLY B 99 7.91 0.08 -9.80
N GLU B 100 8.16 -0.05 -8.51
CA GLU B 100 7.61 -1.15 -7.72
C GLU B 100 6.57 -0.67 -6.73
N VAL B 101 6.92 0.30 -5.88
CA VAL B 101 5.96 0.92 -4.98
C VAL B 101 5.17 1.96 -5.78
N ARG B 102 3.85 1.81 -5.79
CA ARG B 102 3.00 2.72 -6.55
C ARG B 102 2.92 4.11 -5.94
N GLN B 103 3.37 4.29 -4.69
CA GLN B 103 3.46 5.59 -4.07
C GLN B 103 4.84 6.21 -4.23
N ARG B 104 5.73 5.56 -4.98
CA ARG B 104 7.09 6.03 -5.20
C ARG B 104 7.36 6.44 -6.63
N GLY B 105 6.75 5.76 -7.60
CA GLY B 105 6.90 6.11 -9.00
C GLY B 105 8.10 5.46 -9.65
N PHE B 106 8.29 5.79 -10.92
CA PHE B 106 9.41 5.29 -11.71
C PHE B 106 10.68 6.02 -11.26
N ASP B 107 11.28 5.51 -10.19
CA ASP B 107 12.39 6.23 -9.57
C ASP B 107 13.69 6.13 -10.37
N TYR B 108 14.00 4.96 -10.92
CA TYR B 108 15.23 4.75 -11.67
C TYR B 108 14.89 4.41 -13.11
N TRP B 109 15.37 5.24 -14.04
CA TRP B 109 15.09 5.07 -15.45
C TRP B 109 16.31 4.52 -16.17
N GLY B 110 16.16 4.28 -17.45
CA GLY B 110 17.21 3.77 -18.30
C GLY B 110 17.89 4.85 -19.10
N GLN B 111 18.40 4.48 -20.27
CA GLN B 111 19.04 5.40 -21.19
C GLN B 111 18.15 5.75 -22.37
N GLY B 112 17.54 4.76 -23.00
CA GLY B 112 16.64 5.01 -24.11
C GLY B 112 17.19 4.53 -25.44
N THR B 113 16.52 3.54 -26.04
CA THR B 113 16.91 3.00 -27.33
C THR B 113 16.03 3.64 -28.40
N THR B 114 16.66 4.31 -29.36
CA THR B 114 15.91 4.96 -30.44
C THR B 114 15.32 3.91 -31.35
N LEU B 115 14.02 4.03 -31.63
CA LEU B 115 13.30 3.10 -32.47
C LEU B 115 12.70 3.88 -33.64
N THR B 116 12.93 3.39 -34.87
CA THR B 116 12.45 4.07 -36.06
C THR B 116 11.75 3.06 -36.95
N VAL B 117 10.52 3.39 -37.35
CA VAL B 117 9.76 2.59 -38.30
C VAL B 117 9.46 3.44 -39.52
N SER B 118 9.92 2.99 -40.68
CA SER B 118 9.68 3.72 -41.92
C SER B 118 9.84 2.78 -43.09
N SER B 119 9.32 3.20 -44.24
CA SER B 119 9.47 2.46 -45.49
C SER B 119 10.73 2.85 -46.24
N ALA B 120 11.54 3.74 -45.69
CA ALA B 120 12.74 4.20 -46.36
C ALA B 120 13.86 3.18 -46.23
N LYS B 121 15.00 3.48 -46.86
CA LYS B 121 16.17 2.62 -46.84
C LYS B 121 17.33 3.34 -46.16
N THR B 122 18.26 2.57 -45.62
CA THR B 122 19.43 3.14 -44.97
C THR B 122 20.37 3.73 -46.01
N THR B 123 20.77 4.97 -45.80
CA THR B 123 21.64 5.69 -46.71
C THR B 123 22.87 6.19 -45.95
N ALA B 124 24.04 6.01 -46.54
CA ALA B 124 25.27 6.45 -45.91
C ALA B 124 25.32 7.98 -45.85
N PRO B 125 25.81 8.56 -44.76
CA PRO B 125 25.86 10.02 -44.66
C PRO B 125 26.93 10.62 -45.57
N SER B 126 26.61 11.78 -46.14
CA SER B 126 27.52 12.49 -47.03
C SER B 126 27.96 13.76 -46.32
N VAL B 127 29.12 13.71 -45.68
CA VAL B 127 29.63 14.85 -44.92
C VAL B 127 30.20 15.87 -45.91
N TYR B 128 29.71 17.10 -45.81
CA TYR B 128 30.07 18.14 -46.77
C TYR B 128 30.81 19.26 -46.04
N PRO B 129 32.09 19.47 -46.32
CA PRO B 129 32.82 20.57 -45.67
C PRO B 129 32.33 21.92 -46.16
N LEU B 130 32.51 22.93 -45.31
CA LEU B 130 32.07 24.29 -45.59
C LEU B 130 33.25 25.25 -45.50
N ALA B 131 33.41 26.08 -46.52
CA ALA B 131 34.47 27.07 -46.57
C ALA B 131 33.94 28.41 -46.09
N PRO B 132 34.64 29.08 -45.17
CA PRO B 132 34.17 30.40 -44.71
C PRO B 132 34.35 31.49 -45.74
N VAL B 133 33.88 32.70 -45.42
CA VAL B 133 33.99 33.81 -46.35
C VAL B 133 35.43 34.32 -46.42
N CYS B 134 35.73 35.00 -47.51
CA CYS B 134 37.07 35.54 -47.73
C CYS B 134 37.03 37.04 -47.99
N GLY B 139 36.67 38.17 -40.86
CA GLY B 139 36.43 39.02 -39.71
C GLY B 139 37.35 38.72 -38.54
N SER B 140 36.81 38.86 -37.33
CA SER B 140 37.59 38.59 -36.12
C SER B 140 37.41 37.14 -35.66
N SER B 141 36.17 36.73 -35.44
CA SER B 141 35.85 35.36 -35.01
C SER B 141 35.45 34.57 -36.25
N VAL B 142 36.44 33.97 -36.90
CA VAL B 142 36.18 33.19 -38.10
C VAL B 142 35.55 31.85 -37.70
N THR B 143 34.42 31.52 -38.31
CA THR B 143 33.67 30.33 -37.97
C THR B 143 33.75 29.29 -39.08
N LEU B 144 33.60 28.02 -38.68
CA LEU B 144 33.69 26.90 -39.59
C LEU B 144 32.44 26.04 -39.45
N GLY B 145 32.05 25.39 -40.54
CA GLY B 145 30.85 24.57 -40.55
C GLY B 145 31.10 23.22 -41.17
N CYS B 146 30.27 22.26 -40.78
CA CYS B 146 30.37 20.89 -41.28
C CYS B 146 28.97 20.30 -41.25
N LEU B 147 28.31 20.28 -42.40
CA LEU B 147 26.95 19.77 -42.50
C LEU B 147 26.96 18.36 -43.08
N VAL B 148 26.00 17.55 -42.63
CA VAL B 148 25.82 16.19 -43.10
C VAL B 148 24.47 16.12 -43.78
N LYS B 149 24.47 15.80 -45.07
CA LYS B 149 23.26 15.80 -45.88
C LYS B 149 23.00 14.40 -46.43
N GLY B 150 21.79 13.91 -46.24
CA GLY B 150 21.38 12.66 -46.84
C GLY B 150 21.75 11.42 -46.06
N TYR B 151 21.27 11.32 -44.81
CA TYR B 151 21.50 10.13 -44.01
C TYR B 151 20.18 9.64 -43.45
N PHE B 152 20.19 8.40 -42.96
CA PHE B 152 19.04 7.80 -42.31
C PHE B 152 19.50 6.58 -41.54
N PRO B 153 19.01 6.35 -40.31
CA PRO B 153 18.06 7.15 -39.53
C PRO B 153 18.68 7.90 -38.36
N GLU B 154 17.83 8.52 -37.56
CA GLU B 154 18.24 9.10 -36.29
C GLU B 154 18.77 8.02 -35.36
N PRO B 155 19.87 8.27 -34.64
CA PRO B 155 20.70 9.47 -34.61
C PRO B 155 22.08 9.32 -35.23
N VAL B 156 22.81 10.43 -35.31
CA VAL B 156 24.20 10.44 -35.77
C VAL B 156 24.99 11.29 -34.78
N THR B 157 26.04 10.70 -34.20
CA THR B 157 26.88 11.42 -33.25
C THR B 157 27.95 12.19 -34.00
N LEU B 158 28.01 13.49 -33.76
CA LEU B 158 28.95 14.37 -34.45
C LEU B 158 29.67 15.26 -33.44
N THR B 159 30.99 15.31 -33.54
CA THR B 159 31.81 16.25 -32.78
C THR B 159 32.76 16.97 -33.73
N TRP B 160 33.73 17.69 -33.18
CA TRP B 160 34.76 18.36 -33.98
C TRP B 160 36.13 17.94 -33.49
N ASN B 161 37.00 17.60 -34.44
CA ASN B 161 38.36 17.10 -34.17
C ASN B 161 38.34 15.88 -33.25
N SER B 162 37.43 14.95 -33.57
CA SER B 162 37.30 13.66 -32.88
C SER B 162 37.04 13.83 -31.39
N GLY B 163 36.21 14.80 -31.04
CA GLY B 163 35.84 15.04 -29.66
C GLY B 163 36.80 15.90 -28.87
N SER B 164 37.91 16.32 -29.45
CA SER B 164 38.85 17.18 -28.73
C SER B 164 38.33 18.60 -28.58
N LEU B 165 37.42 19.02 -29.46
CA LEU B 165 36.82 20.35 -29.40
C LEU B 165 35.36 20.20 -28.98
N SER B 166 35.01 20.83 -27.86
CA SER B 166 33.64 20.77 -27.35
C SER B 166 33.14 22.11 -26.83
N SER B 167 33.92 23.18 -26.93
CA SER B 167 33.53 24.51 -26.48
C SER B 167 33.25 25.38 -27.69
N GLY B 168 32.10 26.04 -27.69
CA GLY B 168 31.70 26.86 -28.81
C GLY B 168 31.09 26.09 -29.97
N VAL B 169 30.74 24.83 -29.78
CA VAL B 169 30.14 24.01 -30.82
C VAL B 169 28.62 24.04 -30.65
N HIS B 170 27.91 24.21 -31.76
CA HIS B 170 26.45 24.18 -31.78
C HIS B 170 26.02 23.20 -32.86
N THR B 171 25.36 22.12 -32.45
CA THR B 171 24.78 21.17 -33.39
C THR B 171 23.29 21.43 -33.55
N PHE B 172 22.71 20.82 -34.58
CA PHE B 172 21.31 21.05 -34.87
C PHE B 172 20.57 19.74 -34.94
N PRO B 173 19.31 19.71 -34.50
CA PRO B 173 18.52 18.48 -34.61
C PRO B 173 18.21 18.14 -36.06
N ALA B 174 18.03 16.84 -36.31
CA ALA B 174 17.72 16.38 -37.65
C ALA B 174 16.31 16.79 -38.05
N VAL B 175 16.11 16.91 -39.35
CA VAL B 175 14.82 17.31 -39.93
C VAL B 175 14.49 16.35 -41.07
N LEU B 176 13.21 16.00 -41.18
CA LEU B 176 12.78 14.96 -42.10
C LEU B 176 12.11 15.60 -43.32
N GLN B 177 12.62 15.25 -44.50
CA GLN B 177 11.94 15.54 -45.76
C GLN B 177 12.42 14.56 -46.82
N SER B 178 11.49 14.09 -47.64
CA SER B 178 11.74 13.14 -48.73
C SER B 178 12.41 11.85 -48.23
N ASP B 179 12.10 11.46 -46.99
CA ASP B 179 12.70 10.31 -46.31
C ASP B 179 14.23 10.42 -46.20
N LEU B 180 14.75 11.64 -46.07
CA LEU B 180 16.15 11.87 -45.79
C LEU B 180 16.29 12.90 -44.68
N TYR B 181 17.41 12.83 -43.96
CA TYR B 181 17.73 13.74 -42.87
C TYR B 181 18.83 14.70 -43.30
N THR B 182 18.94 15.80 -42.55
CA THR B 182 20.02 16.76 -42.75
C THR B 182 20.45 17.29 -41.40
N LEU B 183 21.75 17.28 -41.15
CA LEU B 183 22.31 17.78 -39.90
C LEU B 183 23.48 18.71 -40.22
N SER B 184 23.65 19.72 -39.38
CA SER B 184 24.71 20.70 -39.54
C SER B 184 25.32 21.01 -38.17
N SER B 185 26.50 21.61 -38.20
CA SER B 185 27.16 22.03 -36.97
C SER B 185 28.13 23.16 -37.30
N SER B 186 28.24 24.11 -36.36
CA SER B 186 29.13 25.25 -36.51
C SER B 186 29.90 25.49 -35.23
N VAL B 187 31.12 25.98 -35.37
CA VAL B 187 32.00 26.26 -34.25
C VAL B 187 32.51 27.69 -34.36
N THR B 188 32.94 28.25 -33.23
CA THR B 188 33.49 29.59 -33.16
C THR B 188 34.96 29.50 -32.80
N VAL B 189 35.82 30.13 -33.61
CA VAL B 189 37.26 30.11 -33.41
C VAL B 189 37.80 31.51 -33.56
N THR B 190 38.97 31.73 -32.96
CA THR B 190 39.62 33.03 -33.01
C THR B 190 40.38 33.19 -34.32
N SER B 191 40.91 34.41 -34.54
CA SER B 191 41.66 34.68 -35.76
C SER B 191 43.00 33.95 -35.75
N SER B 192 43.63 33.80 -34.58
CA SER B 192 44.91 33.12 -34.52
C SER B 192 44.77 31.62 -34.65
N THR B 193 43.61 31.07 -34.30
CA THR B 193 43.44 29.62 -34.32
C THR B 193 43.27 29.10 -35.75
N TRP B 194 42.55 29.84 -36.59
CA TRP B 194 42.24 29.39 -37.93
C TRP B 194 42.76 30.38 -38.96
N PRO B 195 43.36 29.91 -40.07
CA PRO B 195 43.62 28.51 -40.43
C PRO B 195 44.99 28.01 -39.99
N SER B 196 45.51 28.51 -38.86
CA SER B 196 46.79 28.04 -38.36
C SER B 196 46.70 26.60 -37.85
N GLN B 197 45.57 26.25 -37.24
CA GLN B 197 45.34 24.89 -36.73
C GLN B 197 44.37 24.18 -37.67
N SER B 198 44.75 22.99 -38.11
CA SER B 198 43.92 22.21 -39.03
C SER B 198 42.73 21.63 -38.28
N ILE B 199 41.58 22.26 -38.44
CA ILE B 199 40.35 21.83 -37.76
C ILE B 199 39.59 20.88 -38.67
N THR B 200 39.26 19.70 -38.15
CA THR B 200 38.55 18.68 -38.90
C THR B 200 37.24 18.33 -38.21
N CYS B 201 36.34 17.72 -38.96
CA CYS B 201 35.02 17.34 -38.49
C CYS B 201 34.85 15.84 -38.67
N ASN B 202 34.40 15.16 -37.62
CA ASN B 202 34.22 13.72 -37.64
C ASN B 202 32.74 13.36 -37.49
N VAL B 203 32.37 12.23 -38.08
CA VAL B 203 30.98 11.76 -38.09
C VAL B 203 30.98 10.33 -37.57
N ALA B 204 29.85 9.95 -36.96
CA ALA B 204 29.70 8.59 -36.40
C ALA B 204 28.27 8.14 -36.64
N HIS B 205 28.07 7.36 -37.70
CA HIS B 205 26.76 6.80 -38.02
C HIS B 205 26.75 5.30 -37.74
N PRO B 206 26.03 4.83 -36.73
CA PRO B 206 26.07 3.39 -36.42
C PRO B 206 25.33 2.52 -37.42
N ALA B 207 24.34 3.07 -38.12
CA ALA B 207 23.54 2.27 -39.05
C ALA B 207 24.26 1.99 -40.37
N SER B 208 25.38 2.66 -40.63
CA SER B 208 26.16 2.39 -41.83
C SER B 208 27.65 2.21 -41.54
N SER B 209 28.06 2.35 -40.26
CA SER B 209 29.45 2.22 -39.83
C SER B 209 30.38 3.17 -40.59
N THR B 210 29.90 4.38 -40.84
CA THR B 210 30.66 5.38 -41.59
C THR B 210 31.47 6.23 -40.62
N LYS B 211 32.76 6.37 -40.89
CA LYS B 211 33.67 7.18 -40.08
C LYS B 211 34.61 7.88 -41.06
N VAL B 212 34.24 9.08 -41.47
CA VAL B 212 35.02 9.88 -42.40
C VAL B 212 35.27 11.25 -41.80
N ASP B 213 36.50 11.74 -41.95
CA ASP B 213 36.91 13.03 -41.41
C ASP B 213 37.23 13.97 -42.56
N LYS B 214 36.72 15.19 -42.47
CA LYS B 214 36.93 16.20 -43.50
C LYS B 214 37.56 17.45 -42.89
N LYS B 215 38.62 17.93 -43.53
CA LYS B 215 39.26 19.19 -43.19
C LYS B 215 39.29 20.07 -44.43
N ILE B 216 38.99 21.36 -44.26
CA ILE B 216 38.80 22.26 -45.38
C ILE B 216 39.72 23.46 -45.23
N GLU B 217 40.16 24.01 -46.38
CA GLU B 217 41.01 25.16 -46.64
C GLU B 217 40.18 26.34 -47.14
N PRO B 218 40.61 27.58 -46.87
CA PRO B 218 39.84 28.74 -47.36
C PRO B 218 39.96 28.95 -48.86
N ARG B 219 39.18 28.19 -49.63
CA ARG B 219 39.18 28.32 -51.08
C ARG B 219 38.39 29.55 -51.51
N GLU C 1 -8.17 5.51 -18.94
CA GLU C 1 -7.41 6.59 -19.57
C GLU C 1 -7.67 7.91 -18.85
N ASN C 2 -6.93 8.14 -17.76
CA ASN C 2 -7.05 9.38 -17.00
C ASN C 2 -6.23 10.44 -17.72
N VAL C 3 -6.90 11.16 -18.63
CA VAL C 3 -6.22 12.12 -19.50
C VAL C 3 -5.77 13.31 -18.67
N LEU C 4 -4.46 13.43 -18.47
CA LEU C 4 -3.87 14.54 -17.72
C LEU C 4 -3.40 15.60 -18.70
N THR C 5 -3.71 16.86 -18.41
CA THR C 5 -3.25 17.97 -19.23
C THR C 5 -2.55 18.99 -18.34
N GLN C 6 -1.59 19.70 -18.93
CA GLN C 6 -0.79 20.69 -18.23
C GLN C 6 -0.80 22.00 -18.98
N SER C 7 -0.95 23.11 -18.25
CA SER C 7 -0.94 24.43 -18.83
C SER C 7 -0.03 25.34 -18.03
N PRO C 8 0.77 26.18 -18.70
CA PRO C 8 0.96 26.29 -20.15
C PRO C 8 1.93 25.25 -20.68
N ALA C 9 1.84 24.89 -21.96
CA ALA C 9 2.80 23.95 -22.53
C ALA C 9 4.18 24.56 -22.63
N ILE C 10 4.26 25.86 -22.94
CA ILE C 10 5.51 26.60 -23.02
C ILE C 10 5.47 27.74 -22.02
N MET C 11 6.58 27.95 -21.32
CA MET C 11 6.69 29.02 -20.33
C MET C 11 8.13 29.47 -20.26
N SER C 12 8.33 30.69 -19.78
CA SER C 12 9.66 31.27 -19.63
C SER C 12 9.77 31.91 -18.26
N THR C 13 10.83 31.58 -17.53
CA THR C 13 11.02 32.04 -16.16
C THR C 13 12.36 32.74 -16.03
N SER C 14 12.34 33.95 -15.46
CA SER C 14 13.57 34.59 -15.06
C SER C 14 14.13 33.92 -13.81
N PRO C 15 15.44 33.97 -13.59
CA PRO C 15 16.01 33.43 -12.35
C PRO C 15 15.50 34.18 -11.13
N GLY C 16 15.28 33.44 -10.05
CA GLY C 16 14.75 34.00 -8.82
C GLY C 16 13.33 34.52 -8.93
N GLU C 17 12.45 33.76 -9.58
CA GLU C 17 11.07 34.19 -9.82
C GLU C 17 10.11 33.08 -9.41
N LYS C 18 8.95 33.49 -8.90
CA LYS C 18 7.89 32.55 -8.58
C LYS C 18 7.37 31.86 -9.83
N VAL C 19 7.07 30.58 -9.72
CA VAL C 19 6.52 29.81 -10.83
C VAL C 19 5.68 28.67 -10.25
N THR C 20 4.56 28.38 -10.91
CA THR C 20 3.65 27.31 -10.47
C THR C 20 3.04 26.67 -11.71
N MET C 21 3.38 25.41 -11.96
CA MET C 21 2.75 24.65 -13.02
C MET C 21 1.45 24.04 -12.52
N THR C 22 0.73 23.36 -13.41
CA THR C 22 -0.50 22.69 -13.03
C THR C 22 -0.64 21.42 -13.84
N CYS C 23 -1.45 20.49 -13.32
CA CYS C 23 -1.70 19.20 -13.97
C CYS C 23 -3.16 18.84 -13.69
N ARG C 24 -4.04 19.17 -14.64
CA ARG C 24 -5.45 18.90 -14.51
C ARG C 24 -5.74 17.46 -14.89
N ALA C 25 -6.50 16.76 -14.05
CA ALA C 25 -6.85 15.38 -14.29
C ALA C 25 -8.27 15.27 -14.84
N SER C 26 -8.47 14.30 -15.73
CA SER C 26 -9.80 14.08 -16.30
C SER C 26 -10.76 13.53 -15.25
N SER C 27 -10.45 12.36 -14.70
CA SER C 27 -11.22 11.79 -13.61
C SER C 27 -10.49 12.05 -12.30
N SER C 28 -11.13 11.66 -11.19
CA SER C 28 -10.52 11.84 -9.88
C SER C 28 -9.34 10.90 -9.70
N VAL C 29 -8.28 11.40 -9.07
CA VAL C 29 -7.07 10.63 -8.83
C VAL C 29 -6.73 10.75 -7.34
N GLY C 30 -6.07 9.72 -6.82
CA GLY C 30 -5.70 9.73 -5.42
C GLY C 30 -4.65 10.77 -5.11
N SER C 31 -4.63 11.20 -3.84
CA SER C 31 -3.68 12.23 -3.42
C SER C 31 -2.27 11.70 -3.28
N SER C 32 -2.11 10.39 -3.15
CA SER C 32 -0.80 9.78 -2.96
C SER C 32 -0.32 8.98 -4.17
N TYR C 33 -1.01 9.11 -5.30
CA TYR C 33 -0.65 8.38 -6.50
C TYR C 33 -0.09 9.25 -7.61
N LEU C 34 -0.26 10.57 -7.52
CA LEU C 34 0.19 11.45 -8.59
C LEU C 34 1.65 11.85 -8.36
N HIS C 35 2.46 11.67 -9.40
CA HIS C 35 3.90 11.92 -9.35
C HIS C 35 4.27 13.05 -10.30
N TRP C 36 5.50 13.53 -10.18
CA TRP C 36 6.02 14.57 -11.06
C TRP C 36 7.44 14.19 -11.49
N TYR C 37 7.74 14.41 -12.77
CA TYR C 37 9.02 14.04 -13.34
C TYR C 37 9.74 15.27 -13.88
N GLN C 38 10.98 15.08 -14.29
CA GLN C 38 11.77 16.14 -14.91
C GLN C 38 12.72 15.52 -15.91
N GLN C 39 12.58 15.91 -17.17
CA GLN C 39 13.42 15.40 -18.25
C GLN C 39 14.22 16.54 -18.84
N LYS C 40 15.55 16.47 -18.70
CA LYS C 40 16.41 17.46 -19.31
C LYS C 40 16.42 17.29 -20.82
N SER C 41 16.85 18.34 -21.52
CA SER C 41 16.90 18.33 -22.98
C SER C 41 18.03 17.40 -23.42
N GLY C 42 17.68 16.18 -23.79
CA GLY C 42 18.66 15.21 -24.23
C GLY C 42 19.12 14.27 -23.13
N ALA C 43 18.19 13.86 -22.26
CA ALA C 43 18.50 12.96 -21.17
C ALA C 43 17.24 12.22 -20.76
N SER C 44 17.43 11.14 -20.01
CA SER C 44 16.29 10.38 -19.52
C SER C 44 15.59 11.15 -18.39
N PRO C 45 14.26 11.05 -18.29
CA PRO C 45 13.56 11.70 -17.19
C PRO C 45 13.91 11.05 -15.85
N LYS C 46 13.92 11.86 -14.81
CA LYS C 46 14.17 11.40 -13.45
C LYS C 46 12.98 11.75 -12.58
N LEU C 47 12.75 10.90 -11.57
CA LEU C 47 11.68 11.16 -10.62
C LEU C 47 11.99 12.42 -9.82
N TRP C 48 11.02 13.32 -9.73
CA TRP C 48 11.21 14.59 -9.06
C TRP C 48 10.34 14.71 -7.81
N ILE C 49 9.03 14.57 -7.96
CA ILE C 49 8.09 14.65 -6.84
C ILE C 49 7.18 13.44 -6.92
N TYR C 50 7.07 12.69 -5.83
CA TYR C 50 6.20 11.53 -5.74
C TYR C 50 5.16 11.74 -4.66
N SER C 51 3.92 11.34 -4.97
CA SER C 51 2.75 11.53 -4.10
C SER C 51 2.53 13.01 -3.77
N THR C 52 2.84 13.88 -4.75
CA THR C 52 2.54 15.31 -4.85
C THR C 52 2.98 16.17 -3.68
N SER C 53 3.72 15.61 -2.72
CA SER C 53 4.19 16.41 -1.60
C SER C 53 5.67 16.18 -1.34
N ASN C 54 6.15 14.98 -1.64
CA ASN C 54 7.49 14.57 -1.28
C ASN C 54 8.48 14.92 -2.38
N LEU C 55 9.76 14.67 -2.12
CA LEU C 55 10.83 14.91 -3.07
C LEU C 55 11.72 13.68 -3.16
N ALA C 56 12.23 13.42 -4.35
CA ALA C 56 13.13 12.29 -4.54
C ALA C 56 14.52 12.62 -4.00
N SER C 57 15.40 11.62 -4.02
CA SER C 57 16.76 11.80 -3.51
C SER C 57 17.56 12.70 -4.45
N GLY C 58 18.19 13.72 -3.88
CA GLY C 58 18.95 14.68 -4.65
C GLY C 58 18.18 15.90 -5.11
N VAL C 59 16.86 15.88 -5.00
CA VAL C 59 16.04 17.03 -5.39
C VAL C 59 16.18 18.12 -4.34
N PRO C 60 16.46 19.36 -4.72
CA PRO C 60 16.53 20.45 -3.74
C PRO C 60 15.17 20.75 -3.13
N ALA C 61 15.20 21.30 -1.91
CA ALA C 61 13.99 21.53 -1.14
C ALA C 61 13.15 22.68 -1.66
N ARG C 62 13.65 23.46 -2.62
CA ARG C 62 12.87 24.57 -3.14
C ARG C 62 11.70 24.10 -4.00
N PHE C 63 11.75 22.88 -4.51
CA PHE C 63 10.60 22.30 -5.17
C PHE C 63 9.58 21.84 -4.13
N SER C 64 8.31 22.08 -4.40
CA SER C 64 7.25 21.69 -3.47
C SER C 64 5.95 21.54 -4.25
N GLY C 65 5.46 20.30 -4.35
CA GLY C 65 4.17 20.08 -4.95
C GLY C 65 3.04 20.45 -4.00
N SER C 66 1.84 20.53 -4.57
CA SER C 66 0.66 20.90 -3.79
C SER C 66 -0.58 20.38 -4.50
N GLY C 67 -1.74 20.65 -3.93
CA GLY C 67 -3.00 20.28 -4.52
C GLY C 67 -3.43 18.87 -4.16
N SER C 68 -4.73 18.63 -4.33
CA SER C 68 -5.31 17.32 -4.08
C SER C 68 -6.58 17.20 -4.89
N GLY C 69 -7.04 15.96 -5.06
CA GLY C 69 -8.24 15.71 -5.83
C GLY C 69 -7.96 15.57 -7.30
N THR C 70 -8.16 16.65 -8.06
CA THR C 70 -7.84 16.68 -9.49
C THR C 70 -6.88 17.79 -9.87
N SER C 71 -6.87 18.90 -9.15
CA SER C 71 -5.99 20.03 -9.45
C SER C 71 -4.71 19.87 -8.64
N TYR C 72 -3.59 19.67 -9.33
CA TYR C 72 -2.29 19.47 -8.70
C TYR C 72 -1.29 20.45 -9.29
N SER C 73 -0.39 20.95 -8.45
CA SER C 73 0.52 22.01 -8.86
C SER C 73 1.92 21.72 -8.36
N LEU C 74 2.91 22.26 -9.07
CA LEU C 74 4.32 22.18 -8.70
C LEU C 74 4.84 23.59 -8.53
N THR C 75 5.37 23.90 -7.35
CA THR C 75 5.83 25.25 -7.02
C THR C 75 7.33 25.25 -6.80
N ILE C 76 8.01 26.18 -7.45
CA ILE C 76 9.45 26.37 -7.29
C ILE C 76 9.68 27.78 -6.75
N SER C 77 10.58 27.92 -5.79
CA SER C 77 10.79 29.22 -5.15
C SER C 77 11.68 30.12 -6.00
N SER C 78 12.94 29.72 -6.21
CA SER C 78 13.91 30.53 -6.95
C SER C 78 14.62 29.62 -7.95
N VAL C 79 14.26 29.73 -9.21
CA VAL C 79 14.88 28.89 -10.23
C VAL C 79 16.27 29.43 -10.57
N GLU C 80 17.15 28.52 -10.97
CA GLU C 80 18.47 28.90 -11.47
C GLU C 80 18.75 28.17 -12.78
N ALA C 81 19.98 28.28 -13.28
CA ALA C 81 20.31 27.70 -14.58
C ALA C 81 20.35 26.17 -14.57
N GLU C 82 20.30 25.54 -13.39
CA GLU C 82 20.49 24.10 -13.29
C GLU C 82 19.21 23.29 -13.47
N ASP C 83 18.05 23.91 -13.57
CA ASP C 83 16.79 23.17 -13.67
C ASP C 83 15.93 23.68 -14.82
N ALA C 84 16.53 23.87 -15.99
CA ALA C 84 15.79 24.21 -17.20
C ALA C 84 15.48 22.91 -17.95
N ALA C 85 14.26 22.42 -17.81
CA ALA C 85 13.89 21.12 -18.36
C ALA C 85 12.37 21.09 -18.58
N THR C 86 11.85 19.90 -18.83
CA THR C 86 10.42 19.68 -19.04
C THR C 86 9.88 18.77 -17.95
N TYR C 87 8.71 19.09 -17.42
CA TYR C 87 8.12 18.39 -16.29
C TYR C 87 6.84 17.70 -16.71
N TYR C 88 6.71 16.42 -16.36
CA TYR C 88 5.53 15.63 -16.64
C TYR C 88 4.90 15.16 -15.33
N CYS C 89 3.60 14.93 -15.35
CA CYS C 89 2.86 14.41 -14.21
C CYS C 89 2.25 13.06 -14.57
N GLN C 90 2.35 12.11 -13.65
CA GLN C 90 1.88 10.75 -13.86
C GLN C 90 0.88 10.38 -12.78
N GLN C 91 0.12 9.32 -13.01
CA GLN C 91 -0.78 8.74 -12.02
C GLN C 91 -0.73 7.23 -12.10
N PHE C 92 -0.73 6.57 -10.94
CA PHE C 92 -0.86 5.12 -10.85
C PHE C 92 -2.23 4.68 -10.36
N SER C 93 -3.20 5.60 -10.25
CA SER C 93 -4.52 5.22 -9.76
C SER C 93 -5.24 4.33 -10.76
N GLY C 94 -5.51 4.86 -11.95
CA GLY C 94 -6.26 4.13 -12.96
C GLY C 94 -5.35 3.58 -14.04
N TYR C 95 -5.77 2.44 -14.60
CA TYR C 95 -5.09 1.84 -15.72
C TYR C 95 -5.93 2.00 -16.99
N PRO C 96 -5.33 2.34 -18.13
CA PRO C 96 -3.90 2.50 -18.41
C PRO C 96 -3.28 3.78 -17.87
N LEU C 97 -1.97 3.74 -17.64
CA LEU C 97 -1.25 4.88 -17.09
C LEU C 97 -1.13 5.98 -18.13
N THR C 98 -1.23 7.22 -17.67
CA THR C 98 -1.10 8.38 -18.54
C THR C 98 -0.10 9.35 -17.95
N PHE C 99 0.50 10.16 -18.83
CA PHE C 99 1.45 11.19 -18.45
C PHE C 99 0.88 12.56 -18.79
N GLY C 100 1.53 13.59 -18.27
CA GLY C 100 1.14 14.95 -18.57
C GLY C 100 1.59 15.39 -19.95
N SER C 101 1.10 16.55 -20.37
CA SER C 101 1.49 17.10 -21.66
C SER C 101 2.91 17.64 -21.66
N GLY C 102 3.43 18.03 -20.50
CA GLY C 102 4.78 18.54 -20.40
C GLY C 102 4.86 20.05 -20.52
N THR C 103 5.40 20.70 -19.49
CA THR C 103 5.64 22.14 -19.51
C THR C 103 7.13 22.38 -19.66
N LYS C 104 7.51 23.16 -20.67
CA LYS C 104 8.91 23.45 -20.94
C LYS C 104 9.33 24.70 -20.18
N LEU C 105 10.29 24.55 -19.28
CA LEU C 105 10.80 25.66 -18.49
C LEU C 105 11.92 26.34 -19.28
N GLU C 106 11.66 27.56 -19.73
CA GLU C 106 12.63 28.33 -20.51
C GLU C 106 13.16 29.47 -19.67
N MET C 107 14.31 30.01 -20.09
CA MET C 107 14.92 31.14 -19.43
C MET C 107 14.98 32.33 -20.37
N LYS C 108 14.79 33.52 -19.83
CA LYS C 108 14.91 34.77 -20.57
C LYS C 108 16.06 35.59 -20.01
N ARG C 109 16.62 36.44 -20.87
CA ARG C 109 17.71 37.33 -20.50
C ARG C 109 17.72 38.47 -21.52
N ALA C 110 18.68 39.39 -21.35
CA ALA C 110 18.85 40.49 -22.30
C ALA C 110 19.14 39.96 -23.69
N ASP C 111 18.45 40.53 -24.69
CA ASP C 111 18.47 39.98 -26.04
C ASP C 111 19.84 40.13 -26.68
N ALA C 112 20.28 39.10 -27.38
CA ALA C 112 21.55 39.09 -28.08
C ALA C 112 21.30 39.00 -29.58
N ALA C 113 21.96 39.87 -30.33
CA ALA C 113 21.80 39.89 -31.78
C ALA C 113 22.42 38.63 -32.40
N PRO C 114 21.81 38.09 -33.46
CA PRO C 114 22.40 36.90 -34.10
C PRO C 114 23.69 37.24 -34.82
N THR C 115 24.57 36.25 -34.91
CA THR C 115 25.82 36.36 -35.65
C THR C 115 25.63 35.59 -36.95
N VAL C 116 25.21 36.30 -37.99
CA VAL C 116 24.87 35.69 -39.27
C VAL C 116 26.15 35.38 -40.03
N SER C 117 26.30 34.13 -40.45
CA SER C 117 27.47 33.69 -41.22
C SER C 117 27.00 32.83 -42.38
N ILE C 118 27.30 33.28 -43.60
CA ILE C 118 26.92 32.55 -44.81
C ILE C 118 28.07 31.65 -45.22
N PHE C 119 27.73 30.40 -45.56
CA PHE C 119 28.73 29.42 -45.98
C PHE C 119 28.40 28.97 -47.40
N PRO C 120 29.16 29.39 -48.40
CA PRO C 120 28.94 28.88 -49.75
C PRO C 120 29.30 27.41 -49.83
N PRO C 121 28.68 26.66 -50.74
CA PRO C 121 29.00 25.23 -50.86
C PRO C 121 30.43 25.01 -51.38
N SER C 122 30.99 23.87 -50.99
CA SER C 122 32.36 23.55 -51.37
C SER C 122 32.42 23.12 -52.84
N SER C 123 33.65 22.91 -53.31
CA SER C 123 33.86 22.51 -54.70
C SER C 123 33.33 21.10 -54.97
N GLU C 124 33.35 20.25 -53.96
CA GLU C 124 32.84 18.88 -54.10
C GLU C 124 31.32 18.82 -54.10
N GLN C 125 30.64 19.91 -53.70
CA GLN C 125 29.19 19.88 -53.57
C GLN C 125 28.52 19.82 -54.94
N LEU C 126 29.12 20.44 -55.95
CA LEU C 126 28.56 20.43 -57.30
C LEU C 126 28.86 19.16 -58.07
N THR C 127 29.63 18.23 -57.49
CA THR C 127 29.88 16.95 -58.14
C THR C 127 28.60 16.14 -58.26
N SER C 128 27.75 16.17 -57.22
CA SER C 128 26.48 15.45 -57.24
C SER C 128 25.43 16.13 -58.12
N GLY C 129 25.64 17.39 -58.51
CA GLY C 129 24.73 18.08 -59.38
C GLY C 129 23.72 18.99 -58.70
N GLY C 130 23.87 19.25 -57.40
CA GLY C 130 22.96 20.09 -56.67
C GLY C 130 23.59 21.39 -56.20
N ALA C 131 22.76 22.22 -55.59
CA ALA C 131 23.18 23.48 -54.98
C ALA C 131 22.70 23.51 -53.54
N SER C 132 23.61 23.71 -52.60
CA SER C 132 23.29 23.70 -51.18
C SER C 132 24.08 24.82 -50.49
N VAL C 133 23.48 26.00 -50.41
CA VAL C 133 24.05 27.13 -49.67
C VAL C 133 23.36 27.20 -48.31
N VAL C 134 24.14 27.50 -47.27
CA VAL C 134 23.68 27.43 -45.89
C VAL C 134 24.07 28.70 -45.16
N CYS C 135 23.18 29.19 -44.31
CA CYS C 135 23.44 30.32 -43.43
C CYS C 135 23.22 29.90 -42.00
N PHE C 136 24.16 30.24 -41.12
CA PHE C 136 24.11 29.88 -39.72
C PHE C 136 23.78 31.11 -38.88
N LEU C 137 22.75 30.98 -38.04
CA LEU C 137 22.40 32.02 -37.08
C LEU C 137 22.74 31.50 -35.69
N ASN C 138 23.64 32.19 -35.00
CA ASN C 138 24.20 31.70 -33.76
C ASN C 138 24.10 32.80 -32.70
N ASN C 139 23.84 32.37 -31.46
CA ASN C 139 23.79 33.24 -30.28
C ASN C 139 22.73 34.34 -30.43
N PHE C 140 21.47 33.90 -30.53
CA PHE C 140 20.36 34.84 -30.67
C PHE C 140 19.22 34.42 -29.75
N TYR C 141 18.40 35.41 -29.38
CA TYR C 141 17.24 35.22 -28.51
C TYR C 141 16.18 36.23 -28.93
N PRO C 142 14.89 35.83 -28.98
CA PRO C 142 14.33 34.51 -28.70
C PRO C 142 14.15 33.65 -29.96
N LYS C 143 13.42 32.56 -29.84
CA LYS C 143 13.31 31.58 -30.93
C LYS C 143 12.42 32.06 -32.07
N ASP C 144 11.54 33.03 -31.84
CA ASP C 144 10.57 33.45 -32.85
C ASP C 144 11.25 34.41 -33.83
N ILE C 145 12.05 33.83 -34.72
CA ILE C 145 12.80 34.59 -35.72
C ILE C 145 12.54 33.98 -37.08
N ASN C 146 12.12 34.82 -38.03
CA ASN C 146 11.84 34.40 -39.39
C ASN C 146 13.03 34.69 -40.29
N VAL C 147 13.26 33.79 -41.26
CA VAL C 147 14.39 33.91 -42.18
C VAL C 147 13.85 33.75 -43.61
N LYS C 148 14.43 34.51 -44.54
CA LYS C 148 14.08 34.36 -45.95
C LYS C 148 15.36 34.40 -46.78
N TRP C 149 15.29 33.83 -47.97
CA TRP C 149 16.41 33.73 -48.88
C TRP C 149 16.20 34.68 -50.06
N LYS C 150 17.25 35.44 -50.38
CA LYS C 150 17.20 36.46 -51.42
C LYS C 150 18.05 35.99 -52.59
N ILE C 151 17.43 35.88 -53.77
CA ILE C 151 18.11 35.43 -54.98
C ILE C 151 17.69 36.33 -56.14
N ASP C 152 18.67 36.66 -56.99
CA ASP C 152 18.49 37.48 -58.18
C ASP C 152 17.90 38.85 -57.84
N GLY C 153 16.57 38.98 -57.95
CA GLY C 153 15.92 40.22 -57.60
C GLY C 153 14.62 40.01 -56.83
N SER C 154 14.53 38.91 -56.08
CA SER C 154 13.31 38.58 -55.36
C SER C 154 13.68 37.69 -54.18
N GLU C 155 12.65 37.30 -53.41
CA GLU C 155 12.82 36.40 -52.29
C GLU C 155 12.49 34.97 -52.70
N ARG C 156 12.97 34.03 -51.90
CA ARG C 156 12.81 32.60 -52.17
C ARG C 156 12.05 31.93 -51.04
N GLN C 157 11.09 31.08 -51.40
CA GLN C 157 10.28 30.34 -50.44
C GLN C 157 10.47 28.85 -50.53
N ASN C 158 10.66 28.31 -51.74
CA ASN C 158 10.79 26.87 -51.91
C ASN C 158 12.20 26.41 -51.54
N GLY C 159 12.28 25.20 -51.01
CA GLY C 159 13.56 24.59 -50.65
C GLY C 159 14.31 25.28 -49.52
N VAL C 160 13.61 25.62 -48.45
CA VAL C 160 14.21 26.30 -47.30
C VAL C 160 14.21 25.34 -46.12
N LEU C 161 15.39 25.13 -45.55
CA LEU C 161 15.55 24.22 -44.42
C LEU C 161 15.41 24.98 -43.11
N ASN C 162 15.06 24.25 -42.06
CA ASN C 162 14.89 24.84 -40.74
C ASN C 162 15.39 23.87 -39.68
N SER C 163 16.08 24.41 -38.68
CA SER C 163 16.58 23.61 -37.56
C SER C 163 16.77 24.53 -36.37
N TRP C 164 16.00 24.31 -35.30
CA TRP C 164 16.09 25.11 -34.09
C TRP C 164 16.87 24.36 -33.03
N THR C 165 17.87 25.01 -32.45
CA THR C 165 18.60 24.46 -31.32
C THR C 165 17.81 24.70 -30.05
N ASP C 166 17.88 23.72 -29.14
CA ASP C 166 17.26 23.88 -27.83
C ASP C 166 18.05 24.88 -26.98
N GLN C 167 17.60 25.08 -25.75
CA GLN C 167 18.22 26.05 -24.85
C GLN C 167 19.64 25.64 -24.51
N ASP C 168 20.57 26.59 -24.62
CA ASP C 168 21.97 26.32 -24.32
C ASP C 168 22.20 26.44 -22.82
N SER C 169 23.02 25.52 -22.28
CA SER C 169 23.33 25.51 -20.86
C SER C 169 24.51 26.40 -20.51
N LYS C 170 25.09 27.10 -21.49
CA LYS C 170 26.24 27.97 -21.26
C LYS C 170 25.84 29.44 -21.19
N ASP C 171 25.11 29.93 -22.20
CA ASP C 171 24.74 31.34 -22.25
C ASP C 171 23.24 31.57 -22.43
N SER C 172 22.43 30.51 -22.47
CA SER C 172 20.98 30.57 -22.59
C SER C 172 20.54 31.33 -23.85
N THR C 173 20.91 30.76 -25.00
CA THR C 173 20.54 31.33 -26.29
C THR C 173 20.18 30.19 -27.24
N TYR C 174 19.62 30.56 -28.39
CA TYR C 174 19.25 29.62 -29.42
C TYR C 174 20.30 29.61 -30.53
N SER C 175 20.06 28.76 -31.53
CA SER C 175 20.90 28.74 -32.73
C SER C 175 20.06 28.24 -33.89
N MET C 176 19.97 29.04 -34.95
CA MET C 176 19.09 28.79 -36.08
C MET C 176 19.91 28.44 -37.31
N SER C 177 19.52 27.38 -38.01
CA SER C 177 20.19 26.96 -39.24
C SER C 177 19.19 26.91 -40.37
N SER C 178 19.60 27.40 -41.54
CA SER C 178 18.75 27.38 -42.73
C SER C 178 19.61 27.02 -43.93
N THR C 179 19.11 26.09 -44.75
CA THR C 179 19.82 25.61 -45.93
C THR C 179 18.92 25.74 -47.14
N LEU C 180 19.46 26.30 -48.23
CA LEU C 180 18.74 26.39 -49.48
C LEU C 180 19.17 25.25 -50.38
N THR C 181 18.22 24.39 -50.75
CA THR C 181 18.49 23.23 -51.58
C THR C 181 18.06 23.53 -53.02
N LEU C 182 19.02 23.47 -53.94
CA LEU C 182 18.76 23.74 -55.34
C LEU C 182 19.65 22.82 -56.17
N THR C 183 19.69 23.05 -57.48
CA THR C 183 20.47 22.26 -58.41
C THR C 183 21.67 23.07 -58.91
N LYS C 184 22.68 22.34 -59.39
CA LYS C 184 23.87 22.99 -59.95
C LYS C 184 23.56 23.73 -61.23
N ASP C 185 22.53 23.29 -61.97
CA ASP C 185 22.07 24.05 -63.13
C ASP C 185 21.45 25.37 -62.69
N GLU C 186 20.70 25.37 -61.59
CA GLU C 186 20.16 26.61 -61.03
C GLU C 186 21.23 27.44 -60.33
N TYR C 187 22.34 26.83 -59.92
CA TYR C 187 23.42 27.59 -59.31
C TYR C 187 24.09 28.50 -60.34
N GLU C 188 24.32 28.01 -61.55
CA GLU C 188 24.94 28.81 -62.59
C GLU C 188 23.97 29.78 -63.24
N ARG C 189 22.67 29.62 -63.02
CA ARG C 189 21.67 30.56 -63.52
C ARG C 189 21.41 31.71 -62.56
N HIS C 190 22.10 31.75 -61.43
CA HIS C 190 21.91 32.80 -60.43
C HIS C 190 23.27 33.30 -59.97
N ASN C 191 23.30 34.55 -59.51
CA ASN C 191 24.52 35.15 -58.98
C ASN C 191 24.33 35.88 -57.67
N SER C 192 23.09 36.14 -57.23
CA SER C 192 22.83 36.85 -55.99
C SER C 192 22.38 35.85 -54.93
N TYR C 193 23.09 35.82 -53.81
CA TYR C 193 22.79 34.92 -52.70
C TYR C 193 22.91 35.70 -51.40
N THR C 194 21.76 35.99 -50.79
CA THR C 194 21.71 36.75 -49.56
C THR C 194 20.68 36.14 -48.62
N CYS C 195 21.05 36.00 -47.36
CA CYS C 195 20.15 35.54 -46.30
C CYS C 195 20.01 36.62 -45.25
N GLU C 196 18.80 36.82 -44.75
CA GLU C 196 18.55 37.83 -43.74
C GLU C 196 17.47 37.32 -42.79
N ALA C 197 17.47 37.89 -41.58
CA ALA C 197 16.48 37.55 -40.57
C ALA C 197 16.17 38.79 -39.76
N THR C 198 14.90 38.96 -39.41
CA THR C 198 14.46 40.15 -38.67
C THR C 198 14.48 39.83 -37.19
N HIS C 199 15.49 40.33 -36.49
CA HIS C 199 15.59 40.18 -35.04
C HIS C 199 14.90 41.36 -34.34
N LYS C 200 14.69 41.21 -33.04
CA LYS C 200 14.01 42.24 -32.26
C LYS C 200 14.96 43.31 -31.72
N THR C 201 16.27 43.14 -31.89
CA THR C 201 17.20 44.20 -31.47
C THR C 201 17.15 45.38 -32.43
N SER C 202 17.09 45.12 -33.73
CA SER C 202 17.04 46.16 -34.74
C SER C 202 15.83 45.92 -35.63
N THR C 203 15.07 46.98 -35.89
CA THR C 203 13.91 46.88 -36.77
C THR C 203 14.32 46.51 -38.19
N SER C 204 15.39 47.11 -38.69
CA SER C 204 15.96 46.68 -39.96
C SER C 204 16.62 45.33 -39.79
N PRO C 205 16.29 44.34 -40.64
CA PRO C 205 16.87 43.01 -40.47
C PRO C 205 18.36 42.98 -40.79
N ILE C 206 19.07 42.10 -40.09
CA ILE C 206 20.50 41.94 -40.33
C ILE C 206 20.71 41.17 -41.62
N VAL C 207 21.60 41.68 -42.47
CA VAL C 207 21.80 41.14 -43.81
C VAL C 207 23.22 40.62 -43.94
N LYS C 208 23.40 39.67 -44.86
CA LYS C 208 24.72 39.13 -45.17
C LYS C 208 24.66 38.55 -46.56
N SER C 209 25.37 39.15 -47.51
CA SER C 209 25.31 38.78 -48.90
C SER C 209 26.60 38.10 -49.35
N PHE C 210 26.51 37.37 -50.45
CA PHE C 210 27.67 36.75 -51.07
C PHE C 210 27.41 36.58 -52.56
N ASN C 211 28.49 36.42 -53.31
CA ASN C 211 28.44 36.26 -54.76
C ASN C 211 29.24 35.04 -55.16
N ARG C 212 28.78 34.36 -56.23
CA ARG C 212 29.44 33.15 -56.69
C ARG C 212 30.78 33.44 -57.36
N ASN C 213 31.01 34.68 -57.79
CA ASN C 213 32.19 35.20 -58.51
C ASN C 213 33.16 34.22 -59.17
#